data_3F2D
#
_entry.id   3F2D
#
_cell.length_a   115.997
_cell.length_b   139.479
_cell.length_c   184.074
_cell.angle_alpha   90.00
_cell.angle_beta   90.00
_cell.angle_gamma   90.00
#
_symmetry.space_group_name_H-M   'C 2 2 21'
#
loop_
_entity.id
_entity.type
_entity.pdbx_description
1 polymer "5'-D(*DCP*DAP*DGP*DTP*DGP*DAP*DGP*DAP*DCP*DGP*DGP*DGP*DCP*DAP*DAP*DCP*DC)-3'"
2 polymer "5'-D(*DAP*DTP*DAP*DAP*DCP*DGP*DGP*DTP*DTP*DGP*DCP*DCP*DCP*DGP*DTP*DCP*DTP*DCP*DAP*DCP*DTP*DG)-3'"
3 polymer 'GEOBACILLUS KAUSTOPHILUS DNA POLC'
4 non-polymer 'MANGANESE (II) ION'
5 non-polymer 'ZINC ION'
6 non-polymer 'PHOSPHATE ION'
7 non-polymer "2'-DEOXYGUANOSINE-5'-TRIPHOSPHATE"
8 water water
#
loop_
_entity_poly.entity_id
_entity_poly.type
_entity_poly.pdbx_seq_one_letter_code
_entity_poly.pdbx_strand_id
1 'polydeoxyribonucleotide' (DC)(DA)(DG)(DT)(DG)(DA)(DG)(DA)(DC)(DG)(DG)(DG)(DC)(DA)(DA)(DC)(DC) P
2 'polydeoxyribonucleotide'
;(DA)(DT)(DA)(DA)(DC)(DG)(DG)(DT)(DT)(DG)(DC)(DC)(DC)(DG)(DT)(DC)(DT)(DC)(DA)(DC)
(DT)(DG)
;
T
3 'polypeptide(L)'
;MRDEEPVRRLETIVEEERRVVVQGYVFDAEVSELKSGRTLLTMKITDYTNSILVKMFSRDKEDAELMSGVKKGMWVKVRG
SVQNDTFVRDLVIIANDLNEIAANERQDTAPEGEKRVELHLHTPMSQMDAVTSVTKLIEQAKKWGHPAIAVTDHAVVQSF
PEAYSAAKKHGMKVIYGLEANIVDDGVPIAYNETHRRLGSGSGPFHVTLLAQNETGLKNLFKLVSLSHIQYFHRVPRIPR
SVLVKHRDGLLVGSGCDKGELFDNLIQKAPEEVEDIARFYDFLEVHPPDVYKPLIEMDYVKDEEMIKNIIRSIVALGEKL
DIPVVATGNVHYLNPEDKIYRKILIHSQGGANPLNRHELPDVYFRTTNEMLDCFSFLGPEKAKEIVVDNTQKIASLIGDV
KPIKDELYTPRIEGADEEIREMSYRRAKEIYGDPLPKLVEERLEKELKSIIGHGFAVIYLISHKLVKKSLDDGYLVGSRG
SVGSSFVATMTEITEVNPLPPHYVCPNCKHSEFFNDGSVGSGFDLPDKNCPRCGTKYKKDGHDIPFETFLGFKGDKVPDI
DLNFSGEYQPRAHNYTKVLFGEDNVYRAGTIGTVADKTAYGFVKAYASDHNLELRGAEIDRLAAGCTGVKRTTGQHPGGI
IVVPDYMEIYDFTPIQYPADDTSSEWRTTHFDFHSIHDNLLKLDILGHDDPTVIRMLQDLSGIDPKTIPTDDPDVMGIFS
STEPLGVTPEQIMCNVGTIGIPEFGTRFVRQMLEETRPKTFSELVQISGLSHGTDVWLGNAQELIQNGTCTLSEVIGCRD
DIMVYLIYRGLEPSLAFKIMESVRKGKGLTPEFEAEMRKHDVPEWYIDSCKKIKYMFPKAHAAAYVLMAVRIAYFKVHHP
LLYYASYFTVRAEDFDLDAMIKGSAAIRKRIEEINAKGIQATAKEKSLLTVLEVALEMCERGFSFKNIDLYRSQATEFVI
DGNSLIPPFNAIPGLGTNVAQAIVRAREEGEFLSKEDLQQRGKLSKTLLEYLESRGCLDSLPDHNQLSLFSGGHHHHHHH
H
;
A
#
# COMPACT_ATOMS: atom_id res chain seq x y z
N VAL C 7 -10.18 -40.00 -19.13
CA VAL C 7 -9.74 -38.76 -18.40
C VAL C 7 -8.84 -37.86 -19.25
N ARG C 8 -9.46 -36.85 -19.85
CA ARG C 8 -8.78 -35.95 -20.78
C ARG C 8 -8.02 -34.83 -20.08
N ARG C 9 -6.78 -34.62 -20.49
CA ARG C 9 -6.09 -33.40 -20.11
C ARG C 9 -6.80 -32.23 -20.79
N LEU C 10 -6.85 -31.12 -20.08
CA LEU C 10 -7.54 -29.91 -20.52
C LEU C 10 -6.92 -29.21 -21.75
N GLU C 11 -5.66 -29.49 -22.03
CA GLU C 11 -5.04 -28.91 -23.23
C GLU C 11 -5.55 -29.57 -24.50
N THR C 12 -6.29 -30.68 -24.37
CA THR C 12 -6.82 -31.35 -25.56
C THR C 12 -8.28 -31.00 -25.83
N ILE C 13 -8.89 -30.19 -24.95
CA ILE C 13 -10.27 -29.77 -25.19
C ILE C 13 -10.28 -28.63 -26.18
N VAL C 14 -10.70 -28.89 -27.41
CA VAL C 14 -10.53 -27.88 -28.44
C VAL C 14 -11.76 -27.60 -29.29
N GLU C 15 -12.73 -28.51 -29.27
CA GLU C 15 -13.97 -28.25 -30.00
C GLU C 15 -15.18 -28.72 -29.22
N GLU C 16 -16.37 -28.28 -29.66
CA GLU C 16 -17.60 -28.71 -29.03
C GLU C 16 -17.55 -30.22 -29.02
N GLU C 17 -18.10 -30.86 -27.99
CA GLU C 17 -17.92 -32.30 -27.88
C GLU C 17 -18.93 -32.92 -26.91
N ARG C 18 -19.51 -34.04 -27.33
CA ARG C 18 -20.62 -34.65 -26.60
C ARG C 18 -20.26 -34.99 -25.15
N ARG C 19 -19.11 -35.61 -24.93
CA ARG C 19 -18.82 -36.13 -23.59
C ARG C 19 -17.32 -36.18 -23.26
N VAL C 20 -16.94 -35.54 -22.16
CA VAL C 20 -15.58 -35.62 -21.66
C VAL C 20 -15.53 -35.84 -20.16
N VAL C 21 -14.46 -36.51 -19.72
CA VAL C 21 -14.18 -36.57 -18.30
C VAL C 21 -12.87 -35.79 -18.04
N VAL C 22 -12.89 -34.95 -17.01
CA VAL C 22 -11.81 -33.97 -16.82
C VAL C 22 -11.45 -33.73 -15.33
N GLN C 23 -10.19 -33.43 -15.08
CA GLN C 23 -9.75 -33.17 -13.71
C GLN C 23 -9.25 -31.77 -13.61
N GLY C 24 -9.21 -31.22 -12.41
CA GLY C 24 -8.56 -29.95 -12.20
C GLY C 24 -8.81 -29.24 -10.87
N TYR C 25 -7.82 -28.44 -10.48
CA TYR C 25 -7.93 -27.57 -9.33
C TYR C 25 -8.98 -26.51 -9.61
N VAL C 26 -9.91 -26.34 -8.69
CA VAL C 26 -10.83 -25.23 -8.84
C VAL C 26 -10.23 -23.98 -8.23
N PHE C 27 -9.91 -23.00 -9.09
CA PHE C 27 -9.34 -21.74 -8.62
C PHE C 27 -10.35 -20.61 -8.63
N ASP C 28 -11.62 -20.94 -8.86
CA ASP C 28 -12.66 -19.95 -8.71
C ASP C 28 -14.01 -20.61 -8.73
N ALA C 29 -14.90 -20.18 -7.84
CA ALA C 29 -16.22 -20.80 -7.74
C ALA C 29 -17.28 -19.85 -7.25
N GLU C 30 -18.33 -19.66 -8.05
CA GLU C 30 -19.42 -18.83 -7.59
C GLU C 30 -20.73 -19.56 -7.82
N VAL C 31 -21.75 -19.11 -7.12
CA VAL C 31 -23.05 -19.76 -7.18
C VAL C 31 -24.09 -18.67 -7.33
N SER C 32 -25.06 -18.89 -8.21
CA SER C 32 -26.17 -17.94 -8.38
C SER C 32 -27.51 -18.66 -8.56
N GLU C 33 -28.61 -17.92 -8.39
CA GLU C 33 -29.97 -18.46 -8.49
C GLU C 33 -30.66 -18.02 -9.77
N LEU C 34 -31.37 -18.94 -10.41
CA LEU C 34 -32.13 -18.63 -11.63
C LEU C 34 -33.61 -18.38 -11.36
N LYS C 35 -34.28 -17.67 -12.25
CA LYS C 35 -35.70 -17.39 -12.05
C LYS C 35 -36.44 -18.68 -11.68
N SER C 36 -36.07 -19.77 -12.34
CA SER C 36 -36.77 -21.04 -12.19
C SER C 36 -36.65 -21.61 -10.76
N GLY C 37 -35.68 -21.12 -9.99
CA GLY C 37 -35.44 -21.64 -8.64
C GLY C 37 -34.24 -22.57 -8.63
N ARG C 38 -33.93 -23.11 -9.81
CA ARG C 38 -32.71 -23.87 -10.03
C ARG C 38 -31.51 -23.05 -9.56
N THR C 39 -30.40 -23.72 -9.20
CA THR C 39 -29.16 -23.04 -8.86
C THR C 39 -28.06 -23.36 -9.88
N LEU C 40 -27.19 -22.39 -10.14
CA LEU C 40 -26.12 -22.55 -11.09
C LEU C 40 -24.77 -22.39 -10.42
N LEU C 41 -23.91 -23.40 -10.59
CA LEU C 41 -22.54 -23.33 -10.11
C LEU C 41 -21.69 -22.92 -11.30
N THR C 42 -20.77 -21.98 -11.09
CA THR C 42 -19.81 -21.56 -12.14
C THR C 42 -18.36 -21.65 -11.64
N MET C 43 -17.58 -22.59 -12.17
CA MET C 43 -16.23 -22.81 -11.67
C MET C 43 -15.26 -22.50 -12.76
N LYS C 44 -14.01 -22.27 -12.37
CA LYS C 44 -12.88 -22.31 -13.28
C LYS C 44 -11.95 -23.37 -12.73
N ILE C 45 -11.44 -24.24 -13.59
CA ILE C 45 -10.56 -25.30 -13.14
C ILE C 45 -9.38 -25.40 -14.06
N THR C 46 -8.26 -25.84 -13.53
CA THR C 46 -7.10 -26.07 -14.34
C THR C 46 -6.42 -27.36 -13.93
N ASP C 47 -5.99 -28.14 -14.90
CA ASP C 47 -5.15 -29.30 -14.58
C ASP C 47 -3.68 -28.96 -14.83
N TYR C 48 -3.45 -27.70 -15.16
CA TYR C 48 -2.10 -27.16 -15.34
C TYR C 48 -1.48 -27.45 -16.69
N THR C 49 -2.25 -28.06 -17.58
CA THR C 49 -1.89 -28.06 -18.99
C THR C 49 -2.73 -26.98 -19.64
N ASN C 50 -3.91 -26.77 -19.09
CA ASN C 50 -4.76 -25.66 -19.51
C ASN C 50 -5.90 -25.46 -18.49
N SER C 51 -6.95 -24.75 -18.90
CA SER C 51 -8.02 -24.43 -17.98
C SER C 51 -9.33 -24.29 -18.72
N ILE C 52 -10.43 -24.34 -17.99
CA ILE C 52 -11.71 -24.15 -18.65
C ILE C 52 -12.81 -23.75 -17.68
N LEU C 53 -13.81 -23.06 -18.20
CA LEU C 53 -14.90 -22.64 -17.36
C LEU C 53 -15.87 -23.82 -17.35
N VAL C 54 -16.52 -24.03 -16.22
CA VAL C 54 -17.45 -25.14 -16.04
C VAL C 54 -18.75 -24.63 -15.45
N LYS C 55 -19.84 -25.02 -16.07
CA LYS C 55 -21.16 -24.69 -15.55
C LYS C 55 -21.95 -25.96 -15.20
N MET C 56 -22.77 -25.87 -14.14
CA MET C 56 -23.58 -26.98 -13.67
C MET C 56 -24.94 -26.50 -13.17
N PHE C 57 -25.99 -27.17 -13.60
CA PHE C 57 -27.33 -26.72 -13.31
C PHE C 57 -28.04 -27.67 -12.36
N SER C 58 -28.37 -27.18 -11.17
CA SER C 58 -28.87 -28.03 -10.10
C SER C 58 -30.24 -28.57 -10.46
N ARG C 59 -30.51 -29.80 -10.02
CA ARG C 59 -31.80 -30.42 -10.29
C ARG C 59 -32.62 -30.62 -8.99
N ASP C 60 -32.06 -30.19 -7.87
CA ASP C 60 -32.73 -30.32 -6.58
C ASP C 60 -31.96 -29.52 -5.55
N LYS C 61 -32.61 -29.18 -4.44
CA LYS C 61 -31.96 -28.33 -3.46
C LYS C 61 -30.79 -29.05 -2.77
N GLU C 62 -30.78 -30.37 -2.81
CA GLU C 62 -29.67 -31.06 -2.17
C GLU C 62 -28.40 -30.80 -2.97
N ASP C 63 -28.53 -30.85 -4.29
CA ASP C 63 -27.42 -30.58 -5.21
C ASP C 63 -27.11 -29.09 -5.21
N ALA C 64 -28.14 -28.25 -5.09
CA ALA C 64 -27.92 -26.81 -4.97
C ALA C 64 -26.99 -26.44 -3.79
N GLU C 65 -27.22 -27.05 -2.62
CA GLU C 65 -26.38 -26.71 -1.49
C GLU C 65 -25.00 -27.38 -1.59
N LEU C 66 -24.95 -28.58 -2.17
CA LEU C 66 -23.64 -29.17 -2.42
C LEU C 66 -22.87 -28.22 -3.31
N MET C 67 -23.60 -27.58 -4.22
CA MET C 67 -22.91 -26.67 -5.08
C MET C 67 -22.21 -25.58 -4.27
N SER C 68 -22.85 -25.11 -3.20
CA SER C 68 -22.23 -24.09 -2.35
C SER C 68 -21.01 -24.61 -1.63
N GLY C 69 -20.86 -25.94 -1.60
CA GLY C 69 -19.75 -26.57 -0.89
C GLY C 69 -18.48 -26.62 -1.71
N VAL C 70 -18.60 -26.36 -3.01
CA VAL C 70 -17.46 -26.31 -3.90
C VAL C 70 -16.63 -25.05 -3.63
N LYS C 71 -15.38 -25.22 -3.22
CA LYS C 71 -14.53 -24.06 -2.89
C LYS C 71 -13.24 -23.94 -3.70
N LYS C 72 -12.72 -22.72 -3.81
CA LYS C 72 -11.37 -22.57 -4.33
C LYS C 72 -10.47 -23.50 -3.52
N GLY C 73 -9.54 -24.17 -4.20
CA GLY C 73 -8.58 -25.05 -3.52
C GLY C 73 -8.91 -26.54 -3.54
N MET C 74 -10.18 -26.87 -3.79
CA MET C 74 -10.59 -28.26 -3.97
C MET C 74 -10.10 -28.80 -5.32
N TRP C 75 -10.11 -30.12 -5.47
CA TRP C 75 -9.82 -30.77 -6.75
C TRP C 75 -11.00 -31.60 -7.14
N VAL C 76 -11.30 -31.61 -8.44
CA VAL C 76 -12.59 -32.07 -8.87
C VAL C 76 -12.51 -32.83 -10.18
N LYS C 77 -13.29 -33.91 -10.28
CA LYS C 77 -13.44 -34.65 -11.53
C LYS C 77 -14.83 -34.34 -12.08
N VAL C 78 -14.87 -33.87 -13.32
CA VAL C 78 -16.11 -33.47 -13.96
C VAL C 78 -16.35 -34.25 -15.24
N ARG C 79 -17.56 -34.80 -15.37
CA ARG C 79 -17.96 -35.45 -16.61
C ARG C 79 -19.01 -34.56 -17.21
N GLY C 80 -18.78 -34.11 -18.44
CA GLY C 80 -19.73 -33.19 -19.03
C GLY C 80 -19.64 -33.11 -20.53
N SER C 81 -20.48 -32.25 -21.10
CA SER C 81 -20.42 -31.94 -22.51
C SER C 81 -19.60 -30.65 -22.73
N VAL C 82 -19.03 -30.49 -23.93
CA VAL C 82 -18.31 -29.26 -24.25
C VAL C 82 -19.06 -28.44 -25.28
N GLN C 83 -19.50 -27.26 -24.87
CA GLN C 83 -20.31 -26.40 -25.73
C GLN C 83 -19.68 -25.03 -25.93
N ASN C 84 -19.95 -24.42 -27.08
CA ASN C 84 -19.65 -23.01 -27.20
C ASN C 84 -20.67 -22.25 -26.35
N ASP C 85 -20.18 -21.51 -25.37
CA ASP C 85 -21.02 -20.57 -24.66
C ASP C 85 -20.78 -19.21 -25.31
N THR C 86 -21.83 -18.64 -25.89
CA THR C 86 -21.64 -17.48 -26.74
C THR C 86 -21.62 -16.18 -25.94
N PHE C 87 -21.94 -16.27 -24.65
CA PHE C 87 -21.85 -15.11 -23.77
C PHE C 87 -20.48 -14.99 -23.09
N VAL C 88 -19.85 -16.12 -22.79
CA VAL C 88 -18.49 -16.10 -22.24
C VAL C 88 -17.46 -16.13 -23.38
N ARG C 89 -17.96 -16.33 -24.60
CA ARG C 89 -17.16 -16.30 -25.83
C ARG C 89 -15.96 -17.26 -25.88
N ASP C 90 -16.16 -18.42 -25.26
CA ASP C 90 -15.19 -19.51 -25.24
C ASP C 90 -15.95 -20.82 -25.12
N LEU C 91 -15.25 -21.91 -25.36
CA LEU C 91 -15.77 -23.21 -25.02
C LEU C 91 -15.89 -23.34 -23.50
N VAL C 92 -16.63 -24.33 -23.06
CA VAL C 92 -17.06 -24.38 -21.69
C VAL C 92 -17.58 -25.79 -21.43
N ILE C 93 -17.31 -26.35 -20.24
CA ILE C 93 -17.93 -27.65 -19.92
C ILE C 93 -19.29 -27.52 -19.23
N ILE C 94 -20.33 -28.10 -19.80
CA ILE C 94 -21.60 -28.27 -19.11
C ILE C 94 -21.58 -29.61 -18.37
N ALA C 95 -21.46 -29.56 -17.05
CA ALA C 95 -21.27 -30.79 -16.29
C ALA C 95 -22.60 -31.40 -15.86
N ASN C 96 -22.68 -32.72 -15.93
CA ASN C 96 -23.72 -33.44 -15.19
C ASN C 96 -23.11 -34.22 -14.03
N ASP C 97 -21.78 -34.27 -13.99
CA ASP C 97 -21.17 -34.99 -12.90
C ASP C 97 -19.96 -34.30 -12.27
N LEU C 98 -19.99 -34.21 -10.94
CA LEU C 98 -18.89 -33.61 -10.21
C LEU C 98 -18.55 -34.45 -8.98
N ASN C 99 -17.33 -35.00 -8.96
CA ASN C 99 -16.81 -35.67 -7.77
C ASN C 99 -15.57 -34.95 -7.27
N GLU C 100 -15.54 -34.59 -5.99
CA GLU C 100 -14.32 -34.07 -5.40
C GLU C 100 -13.30 -35.20 -5.33
N ILE C 101 -12.03 -34.87 -5.53
CA ILE C 101 -10.96 -35.87 -5.48
C ILE C 101 -9.74 -35.36 -4.73
N ALA C 102 -8.88 -36.28 -4.34
CA ALA C 102 -7.61 -35.96 -3.70
C ALA C 102 -6.74 -35.14 -4.65
N ALA C 103 -5.92 -34.27 -4.07
CA ALA C 103 -4.93 -33.56 -4.86
C ALA C 103 -3.85 -34.53 -5.35
N ASN C 104 -3.75 -35.69 -4.67
CA ASN C 104 -2.75 -36.71 -4.99
C ASN C 104 -1.45 -36.13 -5.51
N GLU C 105 -0.81 -35.28 -4.70
CA GLU C 105 0.39 -34.56 -5.12
C GLU C 105 1.67 -35.33 -4.86
N ARG C 106 2.72 -34.90 -5.55
CA ARG C 106 4.06 -35.44 -5.34
C ARG C 106 4.30 -35.81 -3.88
N GLN C 107 4.75 -37.03 -3.69
CA GLN C 107 4.93 -37.61 -2.37
C GLN C 107 6.43 -37.72 -2.17
N ASP C 108 6.93 -37.44 -0.98
CA ASP C 108 8.35 -37.69 -0.69
C ASP C 108 8.47 -39.04 -0.02
N THR C 109 9.00 -40.04 -0.73
CA THR C 109 8.92 -41.44 -0.27
C THR C 109 10.12 -42.01 0.48
N ALA C 110 11.15 -41.21 0.74
CA ALA C 110 12.28 -41.68 1.56
C ALA C 110 11.82 -41.88 3.01
N PRO C 111 12.51 -42.75 3.78
CA PRO C 111 12.13 -43.05 5.18
C PRO C 111 12.34 -41.86 6.10
N GLU C 112 11.58 -41.82 7.21
CA GLU C 112 11.71 -40.71 8.17
C GLU C 112 13.13 -40.63 8.76
N GLY C 113 13.64 -39.42 8.92
CA GLY C 113 15.00 -39.24 9.42
C GLY C 113 16.03 -39.42 8.33
N GLU C 114 15.60 -39.99 7.21
CA GLU C 114 16.46 -40.16 6.03
C GLU C 114 16.08 -39.17 4.91
N LYS C 115 15.61 -38.00 5.32
CA LYS C 115 15.15 -36.98 4.39
C LYS C 115 16.21 -35.95 4.00
N ARG C 116 15.95 -35.34 2.86
CA ARG C 116 16.76 -34.33 2.22
C ARG C 116 16.52 -32.92 2.75
N VAL C 117 17.56 -32.08 2.75
CA VAL C 117 17.39 -30.63 2.99
C VAL C 117 17.80 -29.78 1.78
N GLU C 118 16.84 -29.00 1.28
CA GLU C 118 17.04 -28.04 0.20
C GLU C 118 17.86 -26.84 0.70
N LEU C 119 18.96 -26.52 0.03
CA LEU C 119 19.91 -25.49 0.54
C LEU C 119 20.09 -24.30 -0.41
N HIS C 120 19.32 -24.28 -1.49
CA HIS C 120 19.49 -23.27 -2.55
C HIS C 120 18.13 -23.08 -3.22
N LEU C 121 17.43 -22.00 -2.87
CA LEU C 121 16.00 -21.87 -3.22
C LEU C 121 15.58 -20.43 -3.40
N HIS C 122 14.79 -20.16 -4.43
CA HIS C 122 14.39 -18.79 -4.78
C HIS C 122 12.89 -18.57 -4.55
N THR C 123 12.56 -17.38 -4.03
CA THR C 123 11.19 -17.05 -3.73
C THR C 123 10.78 -15.94 -4.69
N PRO C 124 9.48 -15.52 -4.68
CA PRO C 124 8.97 -14.44 -5.54
C PRO C 124 9.72 -13.14 -5.30
N MET C 125 10.53 -13.11 -4.24
CA MET C 125 11.36 -11.94 -3.93
C MET C 125 12.64 -11.86 -4.81
N SER C 126 12.95 -12.96 -5.54
CA SER C 126 14.05 -12.92 -6.53
C SER C 126 13.43 -12.31 -7.73
N GLN C 127 13.58 -11.00 -7.81
CA GLN C 127 12.91 -10.17 -8.80
C GLN C 127 12.64 -10.93 -10.12
N MET C 128 11.37 -10.99 -10.53
CA MET C 128 11.02 -11.42 -11.89
C MET C 128 11.69 -12.75 -12.26
N ASP C 129 11.96 -13.57 -11.27
CA ASP C 129 12.77 -14.76 -11.48
C ASP C 129 12.17 -16.01 -10.84
N ALA C 130 11.42 -15.86 -9.76
CA ALA C 130 10.95 -17.03 -9.07
C ALA C 130 9.48 -16.80 -8.72
N VAL C 131 8.75 -17.89 -8.54
CA VAL C 131 7.31 -17.82 -8.68
C VAL C 131 6.47 -18.37 -7.51
N THR C 132 7.00 -19.29 -6.72
CA THR C 132 6.19 -19.86 -5.64
C THR C 132 6.52 -19.24 -4.29
N SER C 133 5.49 -18.82 -3.55
CA SER C 133 5.77 -18.08 -2.35
C SER C 133 6.54 -18.93 -1.34
N VAL C 134 7.31 -18.29 -0.50
CA VAL C 134 8.13 -19.03 0.43
C VAL C 134 7.23 -19.86 1.36
N THR C 135 6.07 -19.31 1.70
CA THR C 135 5.10 -19.98 2.56
C THR C 135 4.68 -21.33 1.97
N LYS C 136 4.32 -21.34 0.69
CA LYS C 136 3.98 -22.60 0.04
C LYS C 136 5.14 -23.60 0.03
N LEU C 137 6.34 -23.12 -0.24
CA LEU C 137 7.52 -23.97 -0.28
C LEU C 137 7.81 -24.61 1.07
N ILE C 138 7.73 -23.79 2.13
CA ILE C 138 8.05 -24.24 3.45
C ILE C 138 6.99 -25.23 3.87
N GLU C 139 5.76 -24.94 3.51
CA GLU C 139 4.68 -25.86 3.78
C GLU C 139 4.92 -27.19 3.07
N GLN C 140 5.32 -27.13 1.81
CA GLN C 140 5.62 -28.36 1.11
C GLN C 140 6.75 -29.13 1.83
N ALA C 141 7.83 -28.43 2.21
CA ALA C 141 8.93 -29.12 2.91
C ALA C 141 8.45 -29.83 4.16
N LYS C 142 7.55 -29.17 4.90
CA LYS C 142 6.97 -29.76 6.09
C LYS C 142 6.25 -31.06 5.74
N LYS C 143 5.43 -31.03 4.70
CA LYS C 143 4.68 -32.22 4.28
C LYS C 143 5.63 -33.36 3.91
N TRP C 144 6.76 -33.00 3.30
CA TRP C 144 7.68 -34.01 2.84
C TRP C 144 8.51 -34.57 3.99
N GLY C 145 8.52 -33.87 5.12
CA GLY C 145 9.26 -34.33 6.30
C GLY C 145 10.71 -33.88 6.28
N HIS C 146 11.00 -32.79 5.56
CA HIS C 146 12.36 -32.26 5.54
C HIS C 146 12.69 -31.65 6.88
N PRO C 147 13.88 -31.95 7.42
CA PRO C 147 14.24 -31.43 8.73
C PRO C 147 14.50 -29.91 8.69
N ALA C 148 14.67 -29.35 7.50
CA ALA C 148 14.90 -27.91 7.36
C ALA C 148 14.80 -27.50 5.90
N ILE C 149 14.79 -26.20 5.65
CA ILE C 149 14.70 -25.66 4.28
C ILE C 149 15.39 -24.29 4.26
N ALA C 150 16.05 -23.98 3.14
CA ALA C 150 16.82 -22.74 3.03
C ALA C 150 16.17 -21.75 2.07
N VAL C 151 16.29 -20.47 2.41
CA VAL C 151 15.84 -19.38 1.56
C VAL C 151 17.04 -18.61 1.06
N THR C 152 17.35 -18.71 -0.23
CA THR C 152 18.52 -18.05 -0.81
C THR C 152 18.20 -17.23 -2.06
N ASP C 153 17.53 -16.08 -1.88
CA ASP C 153 17.17 -15.23 -2.98
C ASP C 153 18.35 -14.50 -3.60
N HIS C 154 18.17 -14.05 -4.83
CA HIS C 154 19.18 -13.27 -5.53
C HIS C 154 19.33 -11.91 -4.91
N ALA C 155 20.50 -11.65 -4.34
CA ALA C 155 20.87 -10.28 -4.03
C ALA C 155 20.05 -9.65 -2.91
N VAL C 156 19.00 -10.34 -2.43
CA VAL C 156 18.16 -9.75 -1.41
C VAL C 156 17.75 -10.75 -0.34
N VAL C 157 17.26 -10.24 0.78
CA VAL C 157 16.62 -11.09 1.79
C VAL C 157 15.15 -10.72 2.10
N GLN C 158 14.43 -10.17 1.13
CA GLN C 158 13.05 -9.72 1.39
C GLN C 158 11.98 -10.78 1.73
N SER C 159 12.36 -12.06 1.70
CA SER C 159 11.40 -13.10 2.07
C SER C 159 11.53 -13.47 3.53
N PHE C 160 12.58 -12.98 4.17
CA PHE C 160 12.82 -13.36 5.55
C PHE C 160 11.60 -13.24 6.47
N PRO C 161 10.98 -12.06 6.51
CA PRO C 161 9.77 -11.85 7.36
C PRO C 161 8.69 -12.89 7.12
N GLU C 162 8.40 -13.22 5.88
CA GLU C 162 7.35 -14.17 5.61
C GLU C 162 7.85 -15.59 5.89
N ALA C 163 9.10 -15.88 5.57
CA ALA C 163 9.67 -17.19 5.94
C ALA C 163 9.56 -17.44 7.45
N TYR C 164 9.91 -16.43 8.23
CA TYR C 164 9.84 -16.55 9.67
C TYR C 164 8.42 -16.91 10.10
N SER C 165 7.45 -16.11 9.68
CA SER C 165 6.05 -16.40 10.01
C SER C 165 5.71 -17.83 9.72
N ALA C 166 6.03 -18.28 8.51
CA ALA C 166 5.66 -19.60 8.10
C ALA C 166 6.46 -20.61 8.92
N ALA C 167 7.74 -20.32 9.15
CA ALA C 167 8.52 -21.15 10.06
C ALA C 167 7.79 -21.40 11.36
N LYS C 168 7.29 -20.36 12.02
CA LYS C 168 6.63 -20.51 13.32
C LYS C 168 5.27 -21.21 13.23
N LYS C 169 4.43 -20.78 12.30
CA LYS C 169 3.13 -21.41 12.08
C LYS C 169 3.28 -22.92 11.85
N HIS C 170 4.21 -23.29 10.96
CA HIS C 170 4.33 -24.70 10.54
C HIS C 170 5.35 -25.53 11.31
N GLY C 171 6.02 -24.93 12.27
CA GLY C 171 7.09 -25.63 13.00
C GLY C 171 8.16 -26.19 12.09
N MET C 172 8.54 -25.43 11.07
CA MET C 172 9.61 -25.82 10.15
C MET C 172 10.84 -24.99 10.47
N LYS C 173 12.02 -25.59 10.40
CA LYS C 173 13.23 -24.82 10.61
C LYS C 173 13.71 -24.19 9.30
N VAL C 174 13.79 -22.86 9.26
CA VAL C 174 14.25 -22.18 8.05
C VAL C 174 15.75 -21.78 8.15
N ILE C 175 16.49 -21.97 7.07
CA ILE C 175 17.84 -21.43 7.02
C ILE C 175 17.83 -20.16 6.19
N TYR C 176 18.16 -19.04 6.83
CA TYR C 176 18.13 -17.72 6.19
C TYR C 176 19.40 -17.45 5.38
N GLY C 177 19.27 -17.38 4.06
CA GLY C 177 20.41 -17.21 3.17
C GLY C 177 20.34 -16.09 2.12
N LEU C 178 21.33 -16.10 1.23
CA LEU C 178 21.47 -15.13 0.15
C LEU C 178 22.18 -15.79 -1.05
N GLU C 179 21.65 -15.66 -2.26
CA GLU C 179 22.49 -15.85 -3.46
C GLU C 179 23.12 -14.48 -3.78
N ALA C 180 24.45 -14.41 -3.68
CA ALA C 180 25.14 -13.14 -3.80
C ALA C 180 25.94 -13.05 -5.08
N ASN C 181 26.06 -11.84 -5.60
CA ASN C 181 26.90 -11.56 -6.74
C ASN C 181 28.25 -11.12 -6.23
N ILE C 182 29.22 -12.01 -6.31
CA ILE C 182 30.58 -11.72 -5.87
C ILE C 182 31.41 -11.32 -7.07
N VAL C 183 32.22 -10.28 -6.90
CA VAL C 183 33.18 -9.88 -7.92
C VAL C 183 34.56 -9.77 -7.31
N ASP C 184 35.60 -10.18 -8.04
CA ASP C 184 36.98 -10.18 -7.51
C ASP C 184 37.67 -8.80 -7.42
N ASP C 185 38.34 -8.54 -6.31
CA ASP C 185 39.03 -7.26 -6.13
C ASP C 185 40.45 -7.47 -5.59
N PRO C 204 32.13 -11.78 -12.24
CA PRO C 204 30.84 -11.56 -11.56
C PRO C 204 30.04 -12.84 -11.38
N PHE C 205 30.24 -13.52 -10.26
CA PHE C 205 29.76 -14.89 -10.09
C PHE C 205 28.89 -15.11 -8.84
N HIS C 206 28.17 -16.24 -8.81
CA HIS C 206 27.21 -16.55 -7.74
C HIS C 206 27.80 -17.42 -6.63
N VAL C 207 27.38 -17.15 -5.40
CA VAL C 207 27.66 -18.04 -4.28
C VAL C 207 26.43 -18.10 -3.39
N THR C 208 26.37 -19.13 -2.57
CA THR C 208 25.26 -19.29 -1.65
C THR C 208 25.79 -18.89 -0.29
N LEU C 209 25.07 -17.99 0.39
CA LEU C 209 25.40 -17.64 1.78
C LEU C 209 24.28 -18.13 2.67
N LEU C 210 24.65 -18.94 3.67
CA LEU C 210 23.72 -19.46 4.65
C LEU C 210 24.12 -18.93 6.02
N ALA C 211 23.20 -18.28 6.73
CA ALA C 211 23.50 -17.75 8.07
C ALA C 211 23.38 -18.80 9.16
N GLN C 212 24.43 -19.01 9.93
CA GLN C 212 24.36 -19.98 11.02
C GLN C 212 23.82 -19.38 12.30
N ASN C 213 23.91 -18.07 12.45
CA ASN C 213 23.59 -17.47 13.74
C ASN C 213 23.26 -15.99 13.58
N GLU C 214 22.95 -15.30 14.68
CA GLU C 214 22.64 -13.89 14.56
C GLU C 214 23.81 -13.06 14.02
N THR C 215 25.02 -13.49 14.33
CA THR C 215 26.17 -12.82 13.81
C THR C 215 26.06 -12.89 12.31
N GLY C 216 25.92 -14.10 11.80
CA GLY C 216 25.73 -14.29 10.36
C GLY C 216 24.58 -13.47 9.80
N LEU C 217 23.48 -13.40 10.53
CA LEU C 217 22.31 -12.73 10.03
C LEU C 217 22.61 -11.26 9.86
N LYS C 218 23.14 -10.65 10.92
CA LYS C 218 23.54 -9.25 10.84
C LYS C 218 24.57 -9.02 9.71
N ASN C 219 25.54 -9.92 9.58
CA ASN C 219 26.43 -9.85 8.42
C ASN C 219 25.67 -9.89 7.08
N LEU C 220 24.67 -10.76 6.97
CA LEU C 220 23.80 -10.75 5.78
C LEU C 220 23.17 -9.36 5.54
N PHE C 221 22.61 -8.77 6.60
CA PHE C 221 21.89 -7.52 6.44
C PHE C 221 22.92 -6.53 5.95
N LYS C 222 24.13 -6.65 6.50
CA LYS C 222 25.20 -5.71 6.15
C LYS C 222 25.63 -5.84 4.68
N LEU C 223 26.01 -7.05 4.28
CA LEU C 223 26.32 -7.36 2.89
C LEU C 223 25.20 -6.92 1.95
N VAL C 224 23.94 -7.16 2.30
CA VAL C 224 22.96 -6.67 1.33
C VAL C 224 22.89 -5.15 1.29
N SER C 225 23.11 -4.51 2.43
CA SER C 225 23.23 -3.05 2.45
C SER C 225 24.41 -2.55 1.58
N LEU C 226 25.61 -3.03 1.85
CA LEU C 226 26.77 -2.59 1.09
C LEU C 226 26.61 -2.86 -0.41
N SER C 227 25.98 -3.98 -0.75
CA SER C 227 25.86 -4.33 -2.15
C SER C 227 24.86 -3.40 -2.84
N HIS C 228 23.87 -2.94 -2.10
CA HIS C 228 22.87 -2.07 -2.72
C HIS C 228 23.30 -0.63 -2.71
N ILE C 229 24.29 -0.33 -1.88
CA ILE C 229 24.72 1.07 -1.72
C ILE C 229 26.14 1.39 -2.23
N GLN C 230 27.16 0.89 -1.54
CA GLN C 230 28.54 1.27 -1.88
C GLN C 230 28.99 0.59 -3.18
N TYR C 231 28.50 -0.62 -3.44
CA TYR C 231 28.98 -1.39 -4.59
C TYR C 231 27.91 -1.80 -5.59
N PHE C 232 26.85 -1.01 -5.75
CA PHE C 232 25.87 -1.35 -6.76
C PHE C 232 26.41 -1.00 -8.14
N HIS C 233 26.37 -1.95 -9.09
CA HIS C 233 26.82 -1.64 -10.45
C HIS C 233 25.68 -1.61 -11.47
N ARG C 234 25.19 -2.79 -11.88
CA ARG C 234 23.95 -2.85 -12.67
C ARG C 234 23.07 -3.76 -11.85
N VAL C 235 23.60 -4.09 -10.69
CA VAL C 235 23.14 -5.22 -9.95
C VAL C 235 23.91 -5.15 -8.64
N PRO C 236 23.24 -5.49 -7.52
CA PRO C 236 23.95 -5.36 -6.26
C PRO C 236 25.15 -6.32 -6.24
N ARG C 237 26.34 -5.83 -5.90
CA ARG C 237 27.47 -6.77 -5.88
C ARG C 237 28.36 -6.66 -4.66
N ILE C 238 29.11 -7.72 -4.41
CA ILE C 238 29.95 -7.79 -3.23
C ILE C 238 31.38 -8.18 -3.60
N PRO C 239 32.34 -7.25 -3.42
CA PRO C 239 33.74 -7.66 -3.63
C PRO C 239 34.06 -8.81 -2.71
N ARG C 240 34.84 -9.77 -3.19
CA ARG C 240 35.22 -10.92 -2.36
C ARG C 240 35.79 -10.47 -1.00
N SER C 241 36.64 -9.45 -0.98
CA SER C 241 37.25 -9.05 0.30
C SER C 241 36.19 -8.61 1.31
N VAL C 242 35.17 -7.91 0.83
CA VAL C 242 34.10 -7.46 1.70
C VAL C 242 33.32 -8.67 2.21
N LEU C 243 33.18 -9.67 1.36
CA LEU C 243 32.59 -10.94 1.79
C LEU C 243 33.41 -11.51 2.96
N VAL C 244 34.72 -11.65 2.76
CA VAL C 244 35.61 -12.15 3.82
C VAL C 244 35.45 -11.33 5.10
N LYS C 245 35.44 -10.01 4.97
CA LYS C 245 35.22 -9.18 6.13
C LYS C 245 33.94 -9.61 6.85
N HIS C 246 32.89 -9.92 6.09
CA HIS C 246 31.62 -10.19 6.73
C HIS C 246 31.22 -11.65 6.71
N ARG C 247 32.21 -12.54 6.72
CA ARG C 247 31.92 -13.96 6.63
C ARG C 247 31.53 -14.64 7.94
N ASP C 248 31.93 -14.07 9.07
CA ASP C 248 31.71 -14.76 10.34
C ASP C 248 30.22 -15.10 10.53
N GLY C 249 29.94 -16.38 10.77
CA GLY C 249 28.55 -16.86 10.91
C GLY C 249 27.89 -17.24 9.60
N LEU C 250 28.66 -17.27 8.51
CA LEU C 250 28.09 -17.68 7.25
C LEU C 250 28.74 -18.97 6.74
N LEU C 251 27.93 -19.88 6.18
CA LEU C 251 28.51 -20.96 5.42
C LEU C 251 28.39 -20.60 3.92
N VAL C 252 29.52 -20.64 3.22
CA VAL C 252 29.56 -20.24 1.83
C VAL C 252 29.60 -21.42 0.90
N GLY C 253 28.62 -21.46 0.01
CA GLY C 253 28.58 -22.48 -1.02
C GLY C 253 29.08 -21.98 -2.36
N SER C 254 29.69 -22.90 -3.10
CA SER C 254 30.20 -22.61 -4.45
C SER C 254 29.05 -22.49 -5.44
N GLY C 255 27.86 -22.84 -5.00
CA GLY C 255 26.65 -22.61 -5.72
C GLY C 255 26.60 -23.05 -7.15
N CYS C 256 25.98 -22.19 -7.94
CA CYS C 256 25.56 -22.35 -9.32
C CYS C 256 26.48 -22.92 -10.42
N ASP C 257 25.93 -22.91 -11.64
CA ASP C 257 26.70 -23.05 -12.88
C ASP C 257 27.27 -21.68 -13.22
N LYS C 258 26.65 -20.65 -12.66
CA LYS C 258 27.22 -19.32 -12.73
C LYS C 258 28.09 -19.11 -11.51
N GLY C 259 28.36 -20.19 -10.79
CA GLY C 259 29.39 -20.18 -9.73
C GLY C 259 30.81 -20.03 -10.25
N GLU C 260 31.71 -19.65 -9.38
CA GLU C 260 33.15 -19.53 -9.66
C GLU C 260 33.75 -20.85 -10.14
N LEU C 261 33.59 -21.92 -9.37
CA LEU C 261 34.28 -23.16 -9.70
C LEU C 261 33.60 -23.97 -10.80
N PHE C 262 32.27 -24.09 -10.77
CA PHE C 262 31.62 -24.82 -11.85
C PHE C 262 32.14 -24.29 -13.19
N ASP C 263 32.44 -23.00 -13.23
CA ASP C 263 32.92 -22.35 -14.44
C ASP C 263 34.37 -22.71 -14.81
N ASN C 264 34.72 -24.00 -14.69
CA ASN C 264 35.99 -24.54 -15.17
C ASN C 264 35.85 -26.03 -15.45
N VAL C 273 43.59 -24.33 -10.36
CA VAL C 273 42.61 -25.34 -10.75
C VAL C 273 41.70 -25.72 -9.53
N GLU C 274 42.17 -25.40 -8.30
CA GLU C 274 41.78 -26.08 -7.02
C GLU C 274 41.68 -25.15 -5.78
N ASP C 275 42.45 -24.07 -5.79
CA ASP C 275 42.48 -23.14 -4.66
C ASP C 275 41.12 -22.49 -4.51
N ILE C 276 40.53 -22.15 -5.65
CA ILE C 276 39.20 -21.62 -5.71
C ILE C 276 38.26 -22.36 -4.76
N ALA C 277 38.32 -23.68 -4.81
CA ALA C 277 37.36 -24.53 -4.11
C ALA C 277 37.53 -24.56 -2.59
N ARG C 278 38.77 -24.52 -2.12
CA ARG C 278 39.07 -24.59 -0.69
C ARG C 278 38.45 -23.40 0.03
N PHE C 279 37.83 -22.53 -0.75
CA PHE C 279 37.27 -21.30 -0.22
C PHE C 279 35.85 -21.54 0.33
N TYR C 280 35.22 -22.62 -0.11
CA TYR C 280 33.84 -22.90 0.26
C TYR C 280 33.69 -23.90 1.38
N ASP C 281 32.73 -23.67 2.26
CA ASP C 281 32.40 -24.69 3.25
C ASP C 281 31.53 -25.79 2.64
N PHE C 282 30.89 -25.48 1.52
CA PHE C 282 30.31 -26.56 0.78
C PHE C 282 30.28 -26.36 -0.72
N LEU C 283 30.31 -27.51 -1.42
CA LEU C 283 30.38 -27.58 -2.87
C LEU C 283 29.04 -28.00 -3.49
N GLU C 284 28.48 -27.15 -4.35
CA GLU C 284 27.19 -27.44 -4.91
C GLU C 284 27.24 -28.15 -6.25
N VAL C 285 26.22 -28.98 -6.43
CA VAL C 285 26.01 -29.76 -7.60
C VAL C 285 24.48 -29.78 -7.80
N HIS C 286 24.02 -29.42 -8.99
CA HIS C 286 22.60 -29.50 -9.31
C HIS C 286 22.27 -30.80 -10.06
N PRO C 287 20.98 -31.19 -10.06
CA PRO C 287 20.58 -32.30 -10.92
C PRO C 287 21.06 -32.06 -12.35
N PRO C 288 21.56 -33.11 -13.02
CA PRO C 288 22.03 -33.01 -14.40
C PRO C 288 21.04 -32.22 -15.26
N ASP C 289 19.74 -32.48 -15.13
CA ASP C 289 18.78 -31.76 -15.95
C ASP C 289 18.98 -30.24 -15.85
N VAL C 290 19.05 -29.71 -14.62
CA VAL C 290 19.20 -28.27 -14.40
C VAL C 290 20.28 -27.59 -15.25
N TYR C 291 21.31 -28.34 -15.63
CA TYR C 291 22.41 -27.75 -16.40
C TYR C 291 22.17 -27.76 -17.90
N LYS C 292 21.07 -28.39 -18.34
CA LYS C 292 20.83 -28.70 -19.78
C LYS C 292 21.10 -27.62 -20.85
N PRO C 293 20.98 -26.32 -20.51
CA PRO C 293 21.45 -25.30 -21.45
C PRO C 293 22.97 -25.34 -21.71
N LEU C 294 23.36 -25.66 -22.95
CA LEU C 294 24.75 -25.65 -23.44
C LEU C 294 24.81 -26.12 -24.91
N VAL C 300 29.29 -26.54 -23.03
CA VAL C 300 29.41 -28.00 -22.90
C VAL C 300 28.94 -28.84 -24.12
N LYS C 301 29.35 -30.10 -24.17
CA LYS C 301 29.07 -30.98 -25.31
C LYS C 301 27.73 -31.71 -25.16
N ASP C 302 27.57 -32.44 -24.07
CA ASP C 302 26.40 -33.26 -23.88
C ASP C 302 26.17 -33.56 -22.40
N GLU C 303 25.06 -34.22 -22.11
CA GLU C 303 24.67 -34.56 -20.74
C GLU C 303 25.73 -35.39 -20.01
N GLU C 304 26.48 -36.16 -20.78
CA GLU C 304 27.52 -37.04 -20.24
C GLU C 304 28.68 -36.23 -19.64
N MET C 305 29.01 -35.10 -20.26
CA MET C 305 30.00 -34.18 -19.73
C MET C 305 29.54 -33.45 -18.45
N ILE C 306 28.35 -32.87 -18.46
CA ILE C 306 27.84 -32.28 -17.26
C ILE C 306 28.06 -33.32 -16.19
N LYS C 307 27.54 -34.51 -16.47
CA LYS C 307 27.64 -35.64 -15.56
C LYS C 307 29.08 -35.84 -15.07
N ASN C 308 30.05 -35.69 -15.97
CA ASN C 308 31.46 -35.72 -15.59
C ASN C 308 31.87 -34.58 -14.65
N ILE C 309 31.46 -33.37 -15.00
CA ILE C 309 31.86 -32.19 -14.24
C ILE C 309 31.40 -32.36 -12.79
N ILE C 310 30.17 -32.83 -12.64
CA ILE C 310 29.62 -33.12 -11.35
C ILE C 310 30.44 -34.16 -10.61
N ARG C 311 30.88 -35.19 -11.33
CA ARG C 311 31.76 -36.19 -10.75
C ARG C 311 33.14 -35.64 -10.36
N SER C 312 33.63 -34.61 -11.05
CA SER C 312 34.90 -34.04 -10.64
C SER C 312 34.72 -33.16 -9.40
N ILE C 313 33.56 -32.54 -9.30
CA ILE C 313 33.25 -31.77 -8.12
C ILE C 313 33.13 -32.71 -6.91
N VAL C 314 32.53 -33.87 -7.15
CA VAL C 314 32.54 -34.96 -6.17
C VAL C 314 33.98 -35.41 -5.85
N ALA C 315 34.81 -35.60 -6.86
CA ALA C 315 36.20 -36.01 -6.61
C ALA C 315 36.83 -34.98 -5.69
N LEU C 316 36.68 -33.73 -6.08
CA LEU C 316 37.29 -32.61 -5.42
C LEU C 316 36.88 -32.55 -3.94
N GLY C 317 35.60 -32.79 -3.67
CA GLY C 317 35.05 -32.61 -2.32
C GLY C 317 35.55 -33.61 -1.31
N GLU C 318 35.68 -34.85 -1.80
CA GLU C 318 36.26 -35.95 -1.05
C GLU C 318 37.76 -35.69 -0.84
N LYS C 319 38.42 -35.24 -1.90
CA LYS C 319 39.83 -34.92 -1.84
C LYS C 319 40.12 -33.83 -0.80
N LEU C 320 39.37 -32.73 -0.85
CA LEU C 320 39.63 -31.61 0.06
C LEU C 320 38.87 -31.64 1.41
N ASP C 321 38.28 -32.80 1.71
CA ASP C 321 37.41 -32.89 2.89
C ASP C 321 36.40 -31.75 2.94
N ILE C 322 35.79 -31.45 1.80
CA ILE C 322 34.72 -30.47 1.77
C ILE C 322 33.40 -31.18 1.45
N PRO C 323 32.40 -31.06 2.33
CA PRO C 323 31.13 -31.69 2.04
C PRO C 323 30.60 -31.24 0.69
N VAL C 324 30.19 -32.20 -0.13
CA VAL C 324 29.54 -31.96 -1.41
C VAL C 324 28.03 -32.12 -1.24
N VAL C 325 27.27 -31.15 -1.74
CA VAL C 325 25.82 -31.17 -1.54
C VAL C 325 25.05 -31.07 -2.85
N ALA C 326 24.08 -31.96 -3.00
CA ALA C 326 23.14 -31.90 -4.11
C ALA C 326 22.07 -30.86 -3.78
N THR C 327 22.10 -29.71 -4.46
CA THR C 327 21.09 -28.67 -4.23
C THR C 327 20.15 -28.48 -5.43
N GLY C 328 18.97 -27.91 -5.21
CA GLY C 328 17.95 -27.90 -6.27
C GLY C 328 17.88 -26.66 -7.14
N ASN C 329 18.33 -25.53 -6.60
CA ASN C 329 18.14 -24.24 -7.26
C ASN C 329 16.66 -24.01 -7.60
N VAL C 330 15.81 -24.27 -6.62
CA VAL C 330 14.38 -24.16 -6.78
C VAL C 330 13.95 -22.75 -7.15
N HIS C 331 13.18 -22.61 -8.23
CA HIS C 331 12.58 -21.33 -8.57
C HIS C 331 11.03 -21.43 -8.62
N TYR C 332 10.50 -22.58 -8.20
CA TYR C 332 9.05 -22.79 -8.14
C TYR C 332 8.78 -24.18 -7.53
N LEU C 333 7.53 -24.42 -7.14
CA LEU C 333 7.15 -25.69 -6.49
C LEU C 333 7.23 -26.90 -7.43
N ASN C 334 6.32 -26.94 -8.41
CA ASN C 334 6.12 -28.12 -9.24
C ASN C 334 6.55 -27.94 -10.70
N PRO C 335 6.91 -29.05 -11.35
CA PRO C 335 7.34 -29.06 -12.75
C PRO C 335 6.51 -28.13 -13.64
N GLU C 336 5.19 -28.13 -13.47
CA GLU C 336 4.31 -27.30 -14.31
C GLU C 336 4.40 -25.79 -14.02
N ASP C 337 4.72 -25.43 -12.77
CA ASP C 337 4.76 -24.01 -12.37
C ASP C 337 5.77 -23.23 -13.21
N LYS C 338 6.53 -23.97 -14.00
CA LYS C 338 7.58 -23.41 -14.84
C LYS C 338 7.06 -22.31 -15.77
N ILE C 339 5.88 -22.54 -16.35
CA ILE C 339 5.31 -21.62 -17.33
C ILE C 339 5.15 -20.19 -16.78
N TYR C 340 4.87 -20.08 -15.49
CA TYR C 340 4.72 -18.76 -14.90
C TYR C 340 6.09 -18.04 -14.95
N ARG C 341 7.16 -18.78 -14.65
CA ARG C 341 8.50 -18.18 -14.69
C ARG C 341 8.80 -17.76 -16.10
N LYS C 342 8.40 -18.61 -17.06
CA LYS C 342 8.65 -18.34 -18.46
C LYS C 342 7.95 -17.05 -18.84
N ILE C 343 6.70 -16.88 -18.39
CA ILE C 343 5.96 -15.70 -18.77
C ILE C 343 6.61 -14.44 -18.24
N LEU C 344 7.03 -14.47 -16.98
CA LEU C 344 7.66 -13.29 -16.40
C LEU C 344 8.97 -12.92 -17.12
N ILE C 345 9.86 -13.88 -17.19
CA ILE C 345 11.13 -13.65 -17.82
C ILE C 345 10.91 -13.06 -19.20
N HIS C 346 9.93 -13.61 -19.92
CA HIS C 346 9.71 -13.20 -21.31
C HIS C 346 9.24 -11.76 -21.42
N SER C 347 8.62 -11.27 -20.37
CA SER C 347 8.08 -9.93 -20.41
C SER C 347 9.22 -8.94 -20.57
N GLN C 348 10.43 -9.35 -20.20
CA GLN C 348 11.54 -8.42 -20.17
C GLN C 348 12.17 -8.17 -21.55
N GLY C 349 12.06 -9.15 -22.45
CA GLY C 349 12.50 -8.98 -23.84
C GLY C 349 13.93 -9.42 -24.05
N GLY C 350 14.48 -9.11 -25.22
CA GLY C 350 15.89 -9.38 -25.53
C GLY C 350 16.79 -8.58 -24.61
N ALA C 351 16.16 -7.85 -23.70
CA ALA C 351 16.88 -7.04 -22.70
C ALA C 351 17.49 -7.93 -21.62
N ASN C 352 16.72 -8.93 -21.20
CA ASN C 352 17.19 -9.94 -20.24
C ASN C 352 18.07 -11.01 -20.91
N PRO C 353 17.87 -11.23 -22.22
CA PRO C 353 18.48 -12.41 -22.79
C PRO C 353 18.89 -13.51 -21.78
N LEU C 354 17.87 -14.02 -21.07
CA LEU C 354 17.87 -15.37 -20.55
C LEU C 354 16.83 -16.04 -21.45
N ASN C 355 16.19 -15.20 -22.26
CA ASN C 355 15.25 -15.67 -23.29
C ASN C 355 15.98 -16.31 -24.50
N ARG C 356 17.31 -16.22 -24.51
CA ARG C 356 18.11 -16.82 -25.58
C ARG C 356 18.01 -18.36 -25.61
N HIS C 357 17.91 -18.97 -24.43
CA HIS C 357 17.83 -20.43 -24.31
C HIS C 357 16.54 -20.90 -23.63
N GLU C 358 16.22 -22.19 -23.76
CA GLU C 358 15.09 -22.78 -23.04
C GLU C 358 15.40 -22.96 -21.54
N LEU C 359 14.37 -22.83 -20.72
CA LEU C 359 14.56 -22.77 -19.26
C LEU C 359 14.62 -24.15 -18.61
N PRO C 360 15.54 -24.31 -17.65
CA PRO C 360 15.72 -25.58 -16.93
C PRO C 360 14.57 -25.93 -15.98
N ASP C 361 14.33 -27.22 -15.79
CA ASP C 361 13.39 -27.66 -14.78
C ASP C 361 14.01 -27.43 -13.40
N VAL C 362 13.51 -26.41 -12.69
CA VAL C 362 14.00 -26.11 -11.36
C VAL C 362 12.86 -26.08 -10.36
N TYR C 363 12.17 -27.21 -10.24
CA TYR C 363 11.10 -27.29 -9.26
C TYR C 363 11.60 -27.92 -7.94
N PHE C 364 10.74 -27.92 -6.92
CA PHE C 364 11.16 -28.46 -5.64
C PHE C 364 11.21 -29.99 -5.70
N ARG C 365 12.42 -30.54 -5.72
CA ARG C 365 12.58 -31.98 -5.89
C ARG C 365 12.56 -32.71 -4.58
N THR C 366 11.85 -33.81 -4.59
CA THR C 366 11.66 -34.63 -3.42
C THR C 366 12.97 -35.35 -3.06
N THR C 367 13.08 -35.90 -1.85
CA THR C 367 14.32 -36.59 -1.51
C THR C 367 14.51 -37.90 -2.27
N ASN C 368 13.43 -38.62 -2.56
CA ASN C 368 13.57 -39.77 -3.45
C ASN C 368 13.90 -39.38 -4.88
N GLU C 369 13.31 -38.31 -5.40
CA GLU C 369 13.62 -38.00 -6.80
C GLU C 369 15.01 -37.42 -6.99
N MET C 370 15.56 -36.83 -5.94
CA MET C 370 16.90 -36.28 -5.98
C MET C 370 17.92 -37.41 -6.09
N LEU C 371 17.68 -38.47 -5.32
CA LEU C 371 18.44 -39.68 -5.38
C LEU C 371 18.42 -40.27 -6.78
N ASP C 372 17.23 -40.36 -7.38
CA ASP C 372 17.07 -40.82 -8.77
C ASP C 372 17.99 -40.03 -9.70
N CYS C 373 17.93 -38.70 -9.60
CA CYS C 373 18.73 -37.80 -10.46
C CYS C 373 20.20 -38.11 -10.35
N PHE C 374 20.64 -38.57 -9.17
CA PHE C 374 22.05 -38.82 -8.92
C PHE C 374 22.40 -40.31 -8.77
N SER C 375 21.44 -41.19 -9.12
CA SER C 375 21.64 -42.63 -9.06
C SER C 375 22.92 -43.07 -9.78
N PHE C 376 23.41 -42.23 -10.69
CA PHE C 376 24.59 -42.56 -11.48
C PHE C 376 25.91 -42.55 -10.71
N LEU C 377 25.91 -41.97 -9.52
CA LEU C 377 27.13 -41.88 -8.73
C LEU C 377 27.27 -43.08 -7.80
N GLY C 378 26.28 -43.96 -7.87
CA GLY C 378 26.22 -45.08 -6.96
C GLY C 378 25.37 -44.74 -5.76
N PRO C 379 24.75 -45.78 -5.16
CA PRO C 379 23.79 -45.58 -4.07
C PRO C 379 24.41 -45.00 -2.80
N GLU C 380 25.69 -45.25 -2.55
CA GLU C 380 26.33 -44.68 -1.35
C GLU C 380 26.58 -43.16 -1.47
N LYS C 381 27.13 -42.75 -2.62
CA LYS C 381 27.31 -41.34 -2.92
C LYS C 381 25.97 -40.64 -3.12
N ALA C 382 25.01 -41.35 -3.69
CA ALA C 382 23.67 -40.80 -3.79
C ALA C 382 23.25 -40.34 -2.40
N LYS C 383 23.07 -41.31 -1.49
CA LYS C 383 22.65 -40.97 -0.14
C LYS C 383 23.53 -39.89 0.50
N GLU C 384 24.86 -39.99 0.32
CA GLU C 384 25.80 -39.05 0.93
C GLU C 384 25.48 -37.59 0.62
N ILE C 385 25.47 -37.24 -0.67
CA ILE C 385 25.34 -35.82 -1.04
C ILE C 385 23.90 -35.31 -1.12
N VAL C 386 22.94 -36.22 -1.11
CA VAL C 386 21.56 -35.81 -1.20
C VAL C 386 21.01 -35.65 0.20
N VAL C 387 21.29 -36.60 1.09
CA VAL C 387 20.77 -36.50 2.44
C VAL C 387 21.78 -36.30 3.59
N ASP C 388 22.78 -37.16 3.70
CA ASP C 388 23.72 -37.04 4.83
C ASP C 388 24.39 -35.66 4.93
N ASN C 389 24.87 -35.13 3.81
CA ASN C 389 25.62 -33.86 3.83
C ASN C 389 24.69 -32.66 3.90
N THR C 390 23.59 -32.78 3.19
CA THR C 390 22.55 -31.81 3.21
C THR C 390 22.07 -31.64 4.68
N GLN C 391 21.74 -32.77 5.33
CA GLN C 391 21.37 -32.78 6.74
C GLN C 391 22.47 -32.21 7.62
N LYS C 392 23.71 -32.57 7.30
CA LYS C 392 24.88 -32.12 8.05
C LYS C 392 25.05 -30.59 8.03
N ILE C 393 24.90 -30.00 6.84
CA ILE C 393 24.94 -28.55 6.73
C ILE C 393 23.82 -27.90 7.56
N ALA C 394 22.61 -28.44 7.45
CA ALA C 394 21.47 -27.94 8.24
C ALA C 394 21.75 -27.99 9.73
N SER C 395 22.51 -29.01 10.15
CA SER C 395 22.87 -29.18 11.56
C SER C 395 23.81 -28.09 12.06
N LEU C 396 24.56 -27.49 11.12
CA LEU C 396 25.54 -26.45 11.45
C LEU C 396 24.88 -25.09 11.64
N ILE C 397 23.59 -25.05 11.31
CA ILE C 397 22.74 -23.86 11.41
C ILE C 397 21.94 -23.86 12.71
N GLY C 398 22.01 -22.77 13.48
CA GLY C 398 21.20 -22.64 14.69
C GLY C 398 19.81 -22.09 14.39
N ASP C 399 19.10 -21.69 15.42
CA ASP C 399 17.74 -21.22 15.24
C ASP C 399 17.70 -19.68 15.22
N VAL C 400 17.81 -19.07 14.04
CA VAL C 400 17.89 -17.61 14.00
C VAL C 400 16.54 -16.91 13.86
N LYS C 401 16.35 -15.84 14.61
CA LYS C 401 15.11 -15.05 14.54
C LYS C 401 15.33 -13.75 13.74
N PRO C 402 14.96 -13.76 12.47
CA PRO C 402 15.32 -12.64 11.62
C PRO C 402 14.59 -11.34 11.95
N ILE C 403 13.42 -11.42 12.57
CA ILE C 403 12.65 -10.25 13.00
C ILE C 403 12.48 -10.26 14.53
N LYS C 404 12.78 -9.16 15.18
CA LYS C 404 12.72 -9.12 16.64
C LYS C 404 11.29 -9.06 17.21
N ASP C 405 11.12 -9.35 18.49
CA ASP C 405 9.79 -9.40 19.09
C ASP C 405 9.39 -8.05 19.64
N GLU C 406 10.34 -7.33 20.21
CA GLU C 406 9.92 -6.14 20.87
C GLU C 406 10.14 -4.81 20.14
N LEU C 407 9.66 -3.77 20.79
CA LEU C 407 9.70 -2.43 20.28
C LEU C 407 10.88 -1.73 20.92
N TYR C 408 11.76 -1.15 20.12
CA TYR C 408 12.87 -0.38 20.68
C TYR C 408 12.62 1.10 20.46
N THR C 409 12.65 1.82 21.56
CA THR C 409 12.12 3.14 21.69
C THR C 409 13.24 4.18 21.93
N PRO C 410 13.22 5.32 21.23
CA PRO C 410 14.37 6.23 21.29
C PRO C 410 14.45 7.00 22.62
N ARG C 411 15.64 7.48 22.94
CA ARG C 411 15.86 8.33 24.12
C ARG C 411 16.58 9.64 23.73
N ILE C 412 16.07 10.76 24.20
CA ILE C 412 16.70 12.05 23.97
C ILE C 412 16.55 12.85 25.26
N GLU C 413 17.66 13.13 25.91
CA GLU C 413 17.57 13.70 27.23
C GLU C 413 16.64 14.94 27.31
N GLY C 414 15.76 14.93 28.32
CA GLY C 414 14.92 16.08 28.63
C GLY C 414 13.49 15.86 28.20
N ALA C 415 13.28 14.85 27.35
CA ALA C 415 12.05 14.64 26.64
C ALA C 415 10.82 14.31 27.51
N ASP C 416 10.96 13.33 28.40
CA ASP C 416 9.85 12.98 29.25
C ASP C 416 9.50 14.24 30.01
N GLU C 417 10.52 14.85 30.60
CA GLU C 417 10.34 16.05 31.40
C GLU C 417 9.71 17.21 30.61
N GLU C 418 10.11 17.37 29.36
CA GLU C 418 9.69 18.50 28.60
C GLU C 418 8.24 18.36 28.12
N ILE C 419 7.85 17.14 27.74
CA ILE C 419 6.46 16.91 27.32
C ILE C 419 5.48 17.14 28.47
N ARG C 420 5.92 16.81 29.68
CA ARG C 420 5.12 17.03 30.87
C ARG C 420 4.91 18.52 31.03
N GLU C 421 6.00 19.28 31.09
CA GLU C 421 5.86 20.71 31.32
C GLU C 421 5.22 21.44 30.15
N MET C 422 5.55 21.03 28.94
CA MET C 422 4.95 21.64 27.76
C MET C 422 3.46 21.61 27.87
N SER C 423 2.94 20.43 28.20
CA SER C 423 1.50 20.24 28.20
C SER C 423 0.76 20.81 29.43
N TYR C 424 1.30 20.65 30.63
CA TYR C 424 0.73 21.35 31.80
C TYR C 424 0.75 22.88 31.64
N ARG C 425 1.83 23.42 31.11
CA ARG C 425 1.91 24.86 30.90
C ARG C 425 0.84 25.36 29.91
N ARG C 426 0.75 24.68 28.77
CA ARG C 426 -0.17 25.07 27.70
C ARG C 426 -1.62 24.87 28.18
N ALA C 427 -1.85 23.81 28.94
CA ALA C 427 -3.16 23.51 29.48
C ALA C 427 -3.60 24.55 30.49
N LYS C 428 -2.68 24.97 31.34
CA LYS C 428 -3.01 25.98 32.32
C LYS C 428 -3.41 27.30 31.65
N GLU C 429 -2.68 27.72 30.62
CA GLU C 429 -2.99 29.02 30.01
C GLU C 429 -4.33 29.03 29.28
N ILE C 430 -4.82 27.85 28.89
CA ILE C 430 -6.15 27.76 28.31
C ILE C 430 -7.23 27.52 29.35
N TYR C 431 -6.97 26.60 30.27
CA TYR C 431 -7.98 26.10 31.22
C TYR C 431 -7.86 26.58 32.67
N GLY C 432 -6.79 27.29 32.99
CA GLY C 432 -6.66 27.94 34.29
C GLY C 432 -5.91 27.21 35.38
N ASP C 433 -5.54 27.92 36.44
CA ASP C 433 -4.70 27.34 37.49
C ASP C 433 -5.37 27.44 38.86
N PRO C 434 -5.56 26.29 39.53
CA PRO C 434 -5.25 24.95 39.03
C PRO C 434 -6.26 24.57 38.00
N LEU C 435 -5.99 23.47 37.31
CA LEU C 435 -6.83 22.99 36.21
C LEU C 435 -8.10 22.37 36.76
N PRO C 436 -9.16 22.34 35.94
CA PRO C 436 -10.34 21.59 36.34
C PRO C 436 -9.98 20.13 36.50
N LYS C 437 -10.69 19.41 37.37
CA LYS C 437 -10.39 18.02 37.65
C LYS C 437 -10.29 17.20 36.36
N LEU C 438 -11.25 17.41 35.47
CA LEU C 438 -11.33 16.73 34.19
C LEU C 438 -9.97 16.74 33.50
N VAL C 439 -9.39 17.93 33.39
CA VAL C 439 -8.23 18.15 32.54
C VAL C 439 -7.02 17.55 33.21
N GLU C 440 -6.87 17.88 34.47
CA GLU C 440 -5.81 17.36 35.29
C GLU C 440 -5.75 15.85 35.20
N GLU C 441 -6.89 15.17 35.29
CA GLU C 441 -6.91 13.71 35.33
C GLU C 441 -6.58 13.16 33.96
N ARG C 442 -6.97 13.91 32.94
CA ARG C 442 -6.69 13.49 31.59
C ARG C 442 -5.19 13.56 31.35
N LEU C 443 -4.53 14.57 31.91
CA LEU C 443 -3.11 14.70 31.68
C LEU C 443 -2.31 13.64 32.45
N GLU C 444 -2.65 13.44 33.72
CA GLU C 444 -1.95 12.46 34.54
C GLU C 444 -2.02 11.08 33.90
N LYS C 445 -3.20 10.68 33.48
CA LYS C 445 -3.37 9.36 32.94
C LYS C 445 -2.72 9.25 31.57
N GLU C 446 -2.75 10.35 30.82
CA GLU C 446 -2.24 10.31 29.48
C GLU C 446 -0.70 10.25 29.47
N LEU C 447 -0.08 11.08 30.30
CA LEU C 447 1.37 11.15 30.36
C LEU C 447 2.01 9.87 30.88
N LYS C 448 1.44 9.26 31.90
CA LYS C 448 2.16 8.11 32.44
C LYS C 448 2.23 7.03 31.36
N SER C 449 1.22 6.98 30.50
CA SER C 449 1.21 6.02 29.42
C SER C 449 2.19 6.38 28.30
N ILE C 450 2.10 7.62 27.83
CA ILE C 450 2.99 8.08 26.78
C ILE C 450 4.44 7.99 27.21
N ILE C 451 4.73 8.49 28.40
CA ILE C 451 6.07 8.37 28.92
C ILE C 451 6.48 6.91 29.13
N GLY C 452 5.68 6.14 29.87
CA GLY C 452 6.05 4.77 30.20
C GLY C 452 6.26 3.85 29.01
N HIS C 453 5.46 4.01 27.96
CA HIS C 453 5.64 3.15 26.80
C HIS C 453 6.65 3.75 25.80
N GLY C 454 7.32 4.83 26.20
CA GLY C 454 8.45 5.36 25.44
C GLY C 454 8.11 6.20 24.21
N PHE C 455 6.99 6.91 24.26
CA PHE C 455 6.55 7.73 23.12
C PHE C 455 6.81 9.24 23.31
N ALA C 456 7.33 9.67 24.45
CA ALA C 456 7.54 11.12 24.64
C ALA C 456 8.43 11.76 23.55
N VAL C 457 9.46 11.04 23.10
CA VAL C 457 10.36 11.58 22.06
C VAL C 457 9.63 11.91 20.77
N ILE C 458 8.78 11.02 20.31
CA ILE C 458 8.21 11.27 18.99
C ILE C 458 7.13 12.34 19.07
N TYR C 459 6.49 12.50 20.22
CA TYR C 459 5.58 13.63 20.41
C TYR C 459 6.37 14.91 20.19
N LEU C 460 7.49 15.02 20.91
CA LEU C 460 8.33 16.20 20.83
C LEU C 460 8.85 16.43 19.43
N ILE C 461 9.51 15.44 18.85
CA ILE C 461 10.00 15.60 17.48
C ILE C 461 8.83 16.03 16.60
N SER C 462 7.66 15.45 16.82
CA SER C 462 6.46 15.88 16.09
C SER C 462 6.09 17.35 16.32
N HIS C 463 6.26 17.81 17.55
CA HIS C 463 5.96 19.18 17.86
C HIS C 463 6.93 20.13 17.13
N LYS C 464 8.20 19.79 17.08
CA LYS C 464 9.16 20.65 16.40
C LYS C 464 8.89 20.69 14.89
N LEU C 465 8.51 19.55 14.32
CA LEU C 465 8.21 19.49 12.91
C LEU C 465 7.03 20.43 12.62
N VAL C 466 5.99 20.37 13.44
CA VAL C 466 4.85 21.20 13.19
C VAL C 466 5.27 22.63 13.38
N LYS C 467 6.04 22.91 14.43
CA LYS C 467 6.48 24.28 14.70
C LYS C 467 7.31 24.91 13.56
N LYS C 468 8.32 24.19 13.08
CA LYS C 468 9.15 24.66 11.97
C LYS C 468 8.35 24.84 10.66
N SER C 469 7.43 23.93 10.38
CA SER C 469 6.62 24.10 9.18
C SER C 469 5.84 25.40 9.23
N LEU C 470 5.18 25.64 10.34
CA LEU C 470 4.49 26.91 10.56
C LEU C 470 5.40 28.11 10.37
N ASP C 471 6.57 28.05 11.00
CA ASP C 471 7.48 29.18 10.92
C ASP C 471 7.94 29.36 9.49
N ASP C 472 8.02 28.25 8.76
CA ASP C 472 8.36 28.34 7.33
C ASP C 472 7.17 28.76 6.44
N GLY C 473 5.99 28.97 7.02
CA GLY C 473 4.86 29.48 6.22
C GLY C 473 3.84 28.43 5.76
N TYR C 474 4.00 27.21 6.26
CA TYR C 474 3.13 26.12 5.84
C TYR C 474 2.35 25.52 6.98
N LEU C 475 1.03 25.74 6.99
CA LEU C 475 0.24 25.18 8.07
C LEU C 475 0.16 23.66 7.94
N VAL C 476 -0.23 22.98 8.99
CA VAL C 476 -0.13 21.53 8.94
C VAL C 476 -1.48 20.93 9.25
N GLY C 477 -1.88 19.91 8.50
CA GLY C 477 -3.19 19.29 8.74
C GLY C 477 -3.09 18.10 9.69
N SER C 478 -4.02 18.01 10.64
CA SER C 478 -4.09 16.88 11.59
C SER C 478 -4.57 15.63 10.89
N ARG C 479 -4.15 14.44 11.35
CA ARG C 479 -4.54 13.18 10.79
C ARG C 479 -4.39 12.04 11.79
N GLY C 480 -5.25 11.03 11.69
CA GLY C 480 -4.99 9.78 12.36
C GLY C 480 -5.29 9.82 13.84
N SER C 481 -4.82 8.82 14.56
CA SER C 481 -5.25 8.60 15.91
C SER C 481 -4.63 9.47 17.01
N VAL C 482 -3.61 10.29 16.73
CA VAL C 482 -3.04 11.12 17.79
C VAL C 482 -4.01 12.13 18.33
N GLY C 483 -5.00 12.50 17.53
CA GLY C 483 -6.01 13.44 18.03
C GLY C 483 -6.86 12.82 19.15
N SER C 484 -6.65 11.55 19.46
CA SER C 484 -7.36 10.99 20.60
C SER C 484 -6.66 11.42 21.90
N SER C 485 -5.53 12.10 21.74
CA SER C 485 -4.65 12.39 22.84
C SER C 485 -4.58 13.87 23.15
N PHE C 486 -5.13 14.26 24.29
CA PHE C 486 -5.12 15.64 24.73
C PHE C 486 -3.69 16.18 24.94
N VAL C 487 -2.77 15.33 25.38
CA VAL C 487 -1.37 15.75 25.45
C VAL C 487 -0.93 16.13 24.04
N ALA C 488 -1.41 15.39 23.06
CA ALA C 488 -1.08 15.74 21.70
C ALA C 488 -1.73 17.09 21.39
N THR C 489 -2.91 17.34 21.92
CA THR C 489 -3.54 18.62 21.69
C THR C 489 -2.70 19.72 22.32
N MET C 490 -2.25 19.51 23.56
CA MET C 490 -1.49 20.52 24.25
C MET C 490 -0.07 20.73 23.71
N THR C 491 0.43 19.78 22.93
CA THR C 491 1.77 19.88 22.34
C THR C 491 1.66 20.34 20.89
N GLU C 492 0.46 20.71 20.47
CA GLU C 492 0.22 21.28 19.15
C GLU C 492 0.70 20.39 18.01
N ILE C 493 0.31 19.13 18.13
CA ILE C 493 0.61 18.05 17.22
C ILE C 493 -0.69 17.61 16.55
N THR C 494 -1.79 18.19 17.01
CA THR C 494 -3.11 17.96 16.41
C THR C 494 -3.95 19.16 16.79
N GLU C 495 -4.87 19.56 15.92
CA GLU C 495 -5.82 20.61 16.25
C GLU C 495 -7.05 20.00 16.92
N VAL C 496 -7.05 18.68 17.06
CA VAL C 496 -8.21 17.99 17.61
C VAL C 496 -8.12 17.90 19.13
N ASN C 497 -9.16 18.39 19.81
CA ASN C 497 -9.28 18.33 21.24
C ASN C 497 -10.26 17.22 21.61
N PRO C 498 -9.76 16.18 22.29
CA PRO C 498 -10.54 15.01 22.60
C PRO C 498 -11.36 15.11 23.87
N LEU C 499 -11.22 16.18 24.64
CA LEU C 499 -12.02 16.35 25.85
C LEU C 499 -13.50 16.35 25.51
N PRO C 500 -14.36 16.14 26.51
CA PRO C 500 -15.77 16.28 26.25
C PRO C 500 -16.05 17.71 25.81
N PRO C 501 -17.24 17.95 25.25
CA PRO C 501 -17.61 19.27 24.74
C PRO C 501 -17.58 20.29 25.87
N HIS C 502 -17.22 21.52 25.56
CA HIS C 502 -17.13 22.51 26.60
C HIS C 502 -17.02 23.90 26.03
N TYR C 503 -17.39 24.87 26.87
CA TYR C 503 -17.06 26.26 26.65
C TYR C 503 -15.79 26.58 27.44
N VAL C 504 -14.86 27.34 26.84
CA VAL C 504 -13.77 27.98 27.60
C VAL C 504 -13.61 29.41 27.22
N CYS C 505 -13.37 30.28 28.20
CA CYS C 505 -13.12 31.68 27.90
C CYS C 505 -11.66 31.99 27.57
N PRO C 506 -11.42 32.60 26.41
CA PRO C 506 -10.04 32.88 26.02
C PRO C 506 -9.47 33.99 26.90
N ASN C 507 -10.25 34.43 27.87
CA ASN C 507 -9.86 35.59 28.67
C ASN C 507 -9.82 35.31 30.17
N CYS C 508 -11.00 35.11 30.71
CA CYS C 508 -11.15 34.75 32.11
C CYS C 508 -10.85 33.25 32.38
N LYS C 509 -10.77 32.42 31.34
CA LYS C 509 -10.43 30.98 31.48
C LYS C 509 -11.46 30.04 32.11
N HIS C 510 -12.59 30.57 32.55
CA HIS C 510 -13.65 29.74 33.13
C HIS C 510 -14.12 28.66 32.13
N SER C 511 -14.53 27.50 32.62
CA SER C 511 -14.88 26.33 31.78
C SER C 511 -16.27 25.79 32.09
N GLU C 512 -16.92 25.20 31.09
CA GLU C 512 -18.18 24.46 31.29
C GLU C 512 -18.09 23.20 30.46
N PHE C 513 -18.06 22.04 31.11
CA PHE C 513 -17.97 20.78 30.37
C PHE C 513 -19.30 20.05 30.38
N PHE C 514 -19.53 19.21 29.37
CA PHE C 514 -20.77 18.43 29.33
C PHE C 514 -20.53 16.94 29.19
N ASN C 515 -20.86 16.17 30.24
CA ASN C 515 -20.74 14.72 30.17
C ASN C 515 -22.06 13.95 30.06
N ASP C 516 -23.17 14.69 29.95
CA ASP C 516 -24.47 14.08 29.71
C ASP C 516 -24.37 13.13 28.53
N GLY C 517 -23.30 13.30 27.75
CA GLY C 517 -23.15 12.61 26.47
C GLY C 517 -24.17 13.10 25.46
N SER C 518 -25.14 13.91 25.91
CA SER C 518 -26.21 14.35 25.02
C SER C 518 -25.74 15.26 23.87
N VAL C 519 -24.54 15.85 24.01
CA VAL C 519 -24.02 16.80 23.02
C VAL C 519 -22.77 16.24 22.37
N GLY C 520 -22.77 16.17 21.04
CA GLY C 520 -21.79 15.35 20.31
C GLY C 520 -20.37 15.88 20.25
N SER C 521 -20.27 17.19 20.00
CA SER C 521 -18.99 17.87 19.84
C SER C 521 -19.18 19.28 20.31
N GLY C 522 -18.19 19.81 21.01
CA GLY C 522 -18.22 21.20 21.42
C GLY C 522 -18.52 22.18 20.29
N PHE C 523 -18.14 21.83 19.06
CA PHE C 523 -18.43 22.74 17.94
C PHE C 523 -19.94 22.86 17.67
N ASP C 524 -20.76 22.02 18.29
CA ASP C 524 -22.21 22.06 18.02
C ASP C 524 -22.91 23.04 18.94
N LEU C 525 -22.21 23.44 20.00
CA LEU C 525 -22.80 24.33 20.97
C LEU C 525 -23.15 25.69 20.36
N PRO C 526 -24.24 26.30 20.84
CA PRO C 526 -24.57 27.64 20.36
C PRO C 526 -23.59 28.64 20.95
N ASP C 527 -23.20 29.64 20.17
CA ASP C 527 -22.40 30.76 20.67
C ASP C 527 -22.92 31.22 22.04
N LYS C 528 -22.00 31.57 22.94
CA LYS C 528 -22.34 31.96 24.31
C LYS C 528 -21.24 32.82 24.97
N ASN C 529 -21.64 33.62 25.95
CA ASN C 529 -20.68 34.50 26.64
C ASN C 529 -20.27 33.99 28.02
N CYS C 530 -19.02 34.20 28.39
CA CYS C 530 -18.51 33.84 29.72
C CYS C 530 -19.34 34.59 30.76
N PRO C 531 -20.21 33.86 31.48
CA PRO C 531 -21.11 34.45 32.46
C PRO C 531 -20.34 35.13 33.58
N ARG C 532 -19.02 35.23 33.40
CA ARG C 532 -18.16 35.72 34.46
C ARG C 532 -17.37 36.97 34.06
N CYS C 533 -16.92 37.03 32.82
CA CYS C 533 -16.09 38.14 32.43
C CYS C 533 -16.82 38.87 31.29
N GLY C 534 -17.83 38.20 30.75
CA GLY C 534 -18.70 38.74 29.69
C GLY C 534 -18.19 38.45 28.30
N THR C 535 -16.91 38.11 28.20
CA THR C 535 -16.22 37.74 26.97
C THR C 535 -16.88 36.59 26.18
N LYS C 536 -16.72 36.57 24.86
CA LYS C 536 -17.36 35.52 24.07
C LYS C 536 -16.64 34.17 24.15
N TYR C 537 -17.40 33.11 24.41
CA TYR C 537 -16.85 31.78 24.69
C TYR C 537 -16.18 31.08 23.48
N LYS C 538 -15.12 30.35 23.75
CA LYS C 538 -14.58 29.44 22.76
C LYS C 538 -15.26 28.07 23.00
N LYS C 539 -15.41 27.27 21.95
CA LYS C 539 -16.06 25.96 22.05
C LYS C 539 -15.14 24.89 21.51
N ASP C 540 -15.17 23.72 22.10
CA ASP C 540 -14.25 22.67 21.68
C ASP C 540 -14.62 21.39 22.40
N GLY C 541 -13.90 20.32 22.07
CA GLY C 541 -14.11 19.03 22.73
C GLY C 541 -14.92 18.08 21.86
N HIS C 542 -14.30 16.99 21.42
CA HIS C 542 -14.98 16.02 20.56
C HIS C 542 -15.21 14.68 21.26
N ASP C 543 -14.88 14.62 22.54
CA ASP C 543 -15.22 13.44 23.33
C ASP C 543 -14.64 12.17 22.75
N ILE C 544 -13.32 12.08 22.69
CA ILE C 544 -12.64 10.93 22.16
C ILE C 544 -11.76 10.27 23.23
N PRO C 545 -11.89 8.96 23.37
CA PRO C 545 -11.13 8.26 24.38
C PRO C 545 -9.71 8.14 23.95
N PHE C 546 -8.79 8.39 24.89
CA PHE C 546 -7.37 8.31 24.68
C PHE C 546 -6.91 6.93 24.21
N GLU C 547 -7.70 5.90 24.53
CA GLU C 547 -7.24 4.54 24.31
C GLU C 547 -7.24 4.16 22.82
N THR C 548 -7.95 4.91 22.01
CA THR C 548 -7.99 4.60 20.59
C THR C 548 -6.58 4.63 20.00
N PHE C 549 -5.72 5.45 20.63
CA PHE C 549 -4.35 5.63 20.22
C PHE C 549 -3.48 4.54 20.81
N LEU C 550 -3.36 4.50 22.13
CA LEU C 550 -2.39 3.59 22.76
C LEU C 550 -2.92 2.27 23.32
N GLY C 551 -4.24 2.09 23.33
CA GLY C 551 -4.80 0.88 23.88
C GLY C 551 -4.68 0.91 25.40
N PHE C 552 -4.69 -0.28 26.01
CA PHE C 552 -4.73 -0.37 27.46
C PHE C 552 -3.46 -1.05 27.93
N LYS C 553 -3.01 -2.05 27.17
CA LYS C 553 -1.78 -2.74 27.53
C LYS C 553 -0.60 -1.84 27.20
N GLY C 554 -0.77 -1.00 26.19
CA GLY C 554 0.38 -0.46 25.46
C GLY C 554 1.12 -1.65 24.87
N ASP C 555 0.36 -2.64 24.35
CA ASP C 555 0.88 -3.68 23.46
C ASP C 555 0.78 -3.21 22.00
N LYS C 556 0.04 -2.11 21.80
CA LYS C 556 -0.09 -1.58 20.47
C LYS C 556 0.98 -0.53 20.21
N VAL C 557 1.50 -0.51 19.01
CA VAL C 557 2.41 0.54 18.64
C VAL C 557 1.81 1.44 17.54
N PRO C 558 1.28 2.58 17.96
CA PRO C 558 0.76 3.52 16.98
C PRO C 558 1.89 4.39 16.49
N ASP C 559 1.55 5.30 15.61
CA ASP C 559 2.50 6.21 15.05
C ASP C 559 1.86 7.56 15.26
N ILE C 560 2.57 8.60 14.83
CA ILE C 560 2.00 9.94 14.77
C ILE C 560 1.89 10.34 13.30
N ASP C 561 0.67 10.73 12.91
CA ASP C 561 0.38 11.09 11.52
C ASP C 561 0.24 12.60 11.43
N LEU C 562 0.92 13.21 10.45
CA LEU C 562 0.82 14.65 10.17
C LEU C 562 0.61 14.87 8.68
N ASN C 563 -0.30 15.77 8.34
CA ASN C 563 -0.49 16.13 6.94
C ASN C 563 0.31 17.40 6.61
N PHE C 564 1.47 17.25 5.98
CA PHE C 564 2.14 18.46 5.53
C PHE C 564 1.73 18.72 4.11
N SER C 565 1.84 19.98 3.69
CA SER C 565 1.56 20.32 2.30
C SER C 565 2.54 19.59 1.36
N GLY C 566 2.06 19.15 0.21
CA GLY C 566 2.92 18.46 -0.75
C GLY C 566 4.18 19.24 -1.08
N GLU C 567 4.09 20.57 -1.17
CA GLU C 567 5.28 21.37 -1.48
C GLU C 567 6.33 21.26 -0.37
N TYR C 568 5.87 21.06 0.87
CA TYR C 568 6.75 21.16 2.00
C TYR C 568 7.32 19.81 2.47
N GLN C 569 6.55 18.74 2.28
CA GLN C 569 6.92 17.42 2.74
C GLN C 569 8.42 17.11 2.71
N PRO C 570 9.08 17.33 1.56
CA PRO C 570 10.49 16.98 1.58
C PRO C 570 11.24 17.67 2.71
N ARG C 571 10.96 18.95 2.95
CA ARG C 571 11.67 19.72 3.97
C ARG C 571 11.44 19.20 5.39
N ALA C 572 10.20 18.83 5.69
CA ALA C 572 9.90 18.23 6.98
C ALA C 572 10.68 16.93 7.12
N HIS C 573 10.73 16.15 6.05
CA HIS C 573 11.51 14.94 6.08
C HIS C 573 12.94 15.23 6.50
N ASN C 574 13.58 16.16 5.80
CA ASN C 574 14.97 16.51 6.09
C ASN C 574 15.21 16.97 7.51
N TYR C 575 14.25 17.70 8.09
CA TYR C 575 14.44 18.19 9.44
C TYR C 575 14.58 17.05 10.46
N THR C 576 14.05 15.87 10.15
CA THR C 576 14.22 14.74 11.08
C THR C 576 15.66 14.23 11.04
N LYS C 577 16.35 14.40 9.91
CA LYS C 577 17.76 14.07 9.87
C LYS C 577 18.52 14.96 10.84
N VAL C 578 18.18 16.24 10.85
CA VAL C 578 18.82 17.17 11.76
C VAL C 578 18.51 16.79 13.22
N LEU C 579 17.24 16.50 13.51
CA LEU C 579 16.83 16.21 14.89
C LEU C 579 17.36 14.90 15.46
N PHE C 580 17.36 13.84 14.65
CA PHE C 580 17.79 12.52 15.12
C PHE C 580 19.20 12.16 14.72
N GLY C 581 19.75 12.87 13.74
CA GLY C 581 21.02 12.47 13.15
C GLY C 581 20.88 11.64 11.89
N GLU C 582 21.78 11.87 10.94
CA GLU C 582 21.70 11.29 9.61
C GLU C 582 21.50 9.80 9.58
N ASP C 583 22.17 9.09 10.48
CA ASP C 583 22.19 7.63 10.46
C ASP C 583 21.18 6.95 11.37
N ASN C 584 20.30 7.73 11.99
CA ASN C 584 19.31 7.17 12.88
C ASN C 584 17.89 7.30 12.33
N VAL C 585 17.74 7.74 11.09
CA VAL C 585 16.42 7.71 10.48
C VAL C 585 16.55 7.19 9.09
N TYR C 586 15.51 6.50 8.63
CA TYR C 586 15.46 5.94 7.28
C TYR C 586 14.05 6.05 6.74
N ARG C 587 13.94 6.34 5.45
CA ARG C 587 12.66 6.33 4.82
C ARG C 587 12.26 4.86 4.75
N ALA C 588 11.02 4.57 5.13
CA ALA C 588 10.48 3.22 4.90
C ALA C 588 10.53 2.92 3.40
N GLY C 589 11.03 1.74 3.03
CA GLY C 589 11.04 1.29 1.65
C GLY C 589 9.83 0.41 1.33
N THR C 590 9.46 0.33 0.05
CA THR C 590 8.41 -0.59 -0.36
C THR C 590 8.88 -1.57 -1.44
N ILE C 591 8.18 -2.69 -1.56
CA ILE C 591 8.46 -3.66 -2.58
C ILE C 591 7.32 -3.70 -3.64
N GLY C 592 7.63 -3.34 -4.87
CA GLY C 592 6.61 -3.37 -5.93
C GLY C 592 6.45 -4.73 -6.58
N THR C 593 5.29 -5.35 -6.39
CA THR C 593 5.06 -6.70 -6.90
C THR C 593 4.14 -6.65 -8.09
N VAL C 594 4.07 -7.75 -8.83
CA VAL C 594 3.15 -7.88 -9.91
C VAL C 594 1.74 -8.11 -9.37
N ALA C 595 0.86 -7.14 -9.55
CA ALA C 595 -0.54 -7.35 -9.20
C ALA C 595 -1.38 -7.64 -10.45
N ASP C 596 -2.65 -7.95 -10.25
CA ASP C 596 -3.51 -8.40 -11.34
C ASP C 596 -3.32 -7.70 -12.68
N LYS C 597 -3.42 -6.38 -12.71
CA LYS C 597 -3.45 -5.69 -14.02
C LYS C 597 -2.17 -5.95 -14.85
N THR C 598 -1.04 -5.99 -14.17
CA THR C 598 0.22 -6.18 -14.80
C THR C 598 0.37 -7.61 -15.21
N ALA C 599 -0.11 -8.50 -14.35
CA ALA C 599 -0.09 -9.94 -14.62
C ALA C 599 -0.88 -10.21 -15.86
N TYR C 600 -2.12 -9.74 -15.90
CA TYR C 600 -2.91 -9.89 -17.10
C TYR C 600 -2.12 -9.35 -18.29
N GLY C 601 -1.48 -8.19 -18.12
CA GLY C 601 -0.69 -7.58 -19.22
C GLY C 601 0.40 -8.50 -19.76
N PHE C 602 1.16 -9.10 -18.85
CA PHE C 602 2.24 -10.03 -19.23
C PHE C 602 1.75 -11.25 -19.99
N VAL C 603 0.66 -11.84 -19.50
CA VAL C 603 0.09 -13.05 -20.11
C VAL C 603 -0.49 -12.79 -21.50
N LYS C 604 -1.19 -11.70 -21.67
CA LYS C 604 -1.69 -11.43 -22.99
C LYS C 604 -0.53 -11.32 -23.98
N ALA C 605 0.45 -10.49 -23.67
CA ALA C 605 1.62 -10.29 -24.55
C ALA C 605 2.29 -11.61 -24.93
N TYR C 606 2.54 -12.45 -23.92
CA TYR C 606 3.16 -13.75 -24.14
C TYR C 606 2.32 -14.63 -25.03
N ALA C 607 0.99 -14.58 -24.84
CA ALA C 607 0.07 -15.27 -25.74
C ALA C 607 0.25 -14.78 -27.18
N SER C 608 0.18 -13.47 -27.34
CA SER C 608 0.36 -12.83 -28.63
C SER C 608 1.68 -13.23 -29.29
N ASP C 609 2.80 -13.01 -28.59
CA ASP C 609 4.11 -13.32 -29.15
C ASP C 609 4.24 -14.79 -29.52
N HIS C 610 3.47 -15.66 -28.88
CA HIS C 610 3.58 -17.10 -29.16
C HIS C 610 2.44 -17.62 -30.02
N ASN C 611 1.64 -16.70 -30.54
CA ASN C 611 0.47 -17.04 -31.33
C ASN C 611 -0.47 -18.07 -30.67
N LEU C 612 -0.73 -17.90 -29.38
CA LEU C 612 -1.69 -18.74 -28.67
C LEU C 612 -3.07 -18.10 -28.63
N GLU C 613 -4.11 -18.90 -28.89
CA GLU C 613 -5.49 -18.49 -28.67
C GLU C 613 -5.91 -19.07 -27.32
N LEU C 614 -6.07 -18.25 -26.31
CA LEU C 614 -6.36 -18.86 -25.01
C LEU C 614 -7.76 -18.48 -24.55
N ARG C 615 -8.34 -19.35 -23.74
CA ARG C 615 -9.64 -19.08 -23.16
C ARG C 615 -9.48 -18.08 -22.02
N GLY C 616 -10.49 -17.26 -21.78
CA GLY C 616 -10.52 -16.40 -20.58
C GLY C 616 -10.04 -17.18 -19.34
N ALA C 617 -10.70 -18.30 -19.07
CA ALA C 617 -10.36 -19.10 -17.92
C ALA C 617 -8.82 -19.36 -17.80
N GLU C 618 -8.17 -19.72 -18.90
CA GLU C 618 -6.76 -20.09 -18.87
C GLU C 618 -5.84 -18.88 -18.75
N ILE C 619 -6.23 -17.76 -19.36
CA ILE C 619 -5.51 -16.53 -19.18
C ILE C 619 -5.63 -16.16 -17.69
N ASP C 620 -6.83 -16.31 -17.14
CA ASP C 620 -7.04 -15.96 -15.76
C ASP C 620 -6.03 -16.72 -14.94
N ARG C 621 -5.88 -18.02 -15.23
CA ARG C 621 -5.11 -18.85 -14.32
C ARG C 621 -3.61 -18.64 -14.47
N LEU C 622 -3.18 -18.31 -15.69
CA LEU C 622 -1.80 -17.84 -15.88
C LEU C 622 -1.54 -16.52 -15.17
N ALA C 623 -2.50 -15.59 -15.27
CA ALA C 623 -2.37 -14.32 -14.57
C ALA C 623 -2.07 -14.56 -13.08
N ALA C 624 -2.99 -15.27 -12.42
CA ALA C 624 -2.88 -15.56 -11.00
C ALA C 624 -1.53 -16.16 -10.59
N GLY C 625 -0.95 -17.01 -11.43
CA GLY C 625 0.32 -17.63 -11.08
C GLY C 625 1.49 -16.66 -11.13
N CYS C 626 1.25 -15.46 -11.68
CA CYS C 626 2.31 -14.46 -11.81
C CYS C 626 2.29 -13.42 -10.72
N THR C 627 1.13 -13.21 -10.09
CA THR C 627 1.02 -12.12 -9.11
C THR C 627 1.86 -12.46 -7.90
N GLY C 628 2.34 -11.45 -7.20
CA GLY C 628 3.10 -11.68 -5.99
C GLY C 628 4.59 -11.54 -6.23
N VAL C 629 5.01 -11.63 -7.48
CA VAL C 629 6.42 -11.63 -7.79
C VAL C 629 6.93 -10.20 -7.73
N LYS C 630 8.06 -10.00 -7.06
CA LYS C 630 8.68 -8.68 -6.94
C LYS C 630 9.17 -8.18 -8.26
N ARG C 631 8.75 -6.96 -8.59
CA ARG C 631 9.22 -6.31 -9.82
C ARG C 631 10.17 -5.16 -9.55
N THR C 632 9.94 -4.39 -8.49
CA THR C 632 10.85 -3.28 -8.19
C THR C 632 10.85 -2.91 -6.71
N THR C 633 11.56 -1.83 -6.37
CA THR C 633 11.42 -1.28 -5.04
C THR C 633 11.09 0.20 -5.15
N GLY C 634 10.65 0.78 -4.03
CA GLY C 634 10.15 2.15 -3.98
C GLY C 634 10.20 2.75 -2.57
N GLN C 635 9.36 3.74 -2.34
CA GLN C 635 9.41 4.58 -1.15
C GLN C 635 8.04 4.65 -0.53
N HIS C 636 7.95 4.37 0.76
CA HIS C 636 6.76 4.65 1.53
C HIS C 636 6.37 6.08 1.23
N PRO C 637 5.07 6.36 1.12
CA PRO C 637 4.70 7.72 0.76
C PRO C 637 5.08 8.77 1.81
N GLY C 638 5.57 8.38 2.98
CA GLY C 638 5.95 9.41 3.94
C GLY C 638 6.58 9.03 5.28
N GLY C 639 6.58 7.74 5.62
CA GLY C 639 7.01 7.33 6.94
C GLY C 639 8.51 7.32 7.11
N ILE C 640 8.96 7.92 8.20
CA ILE C 640 10.35 7.86 8.56
C ILE C 640 10.49 7.01 9.79
N ILE C 641 11.44 6.09 9.73
CA ILE C 641 11.66 5.09 10.75
C ILE C 641 12.79 5.54 11.65
N VAL C 642 12.55 5.58 12.96
CA VAL C 642 13.57 6.15 13.80
C VAL C 642 14.34 5.08 14.57
N VAL C 643 15.66 5.11 14.43
CA VAL C 643 16.50 4.15 15.09
C VAL C 643 17.01 4.69 16.44
N PRO C 644 16.67 3.99 17.52
CA PRO C 644 17.24 4.39 18.80
C PRO C 644 18.77 4.41 18.76
N ASP C 645 19.40 5.34 19.47
CA ASP C 645 20.86 5.46 19.40
C ASP C 645 21.62 4.28 20.06
N TYR C 646 20.91 3.46 20.83
CA TYR C 646 21.61 2.37 21.52
C TYR C 646 21.49 1.09 20.70
N MET C 647 20.83 1.17 19.54
CA MET C 647 20.82 0.04 18.61
C MET C 647 21.37 0.54 17.29
N GLU C 648 21.20 -0.23 16.23
CA GLU C 648 21.58 0.23 14.90
C GLU C 648 20.60 -0.37 13.92
N ILE C 649 20.45 0.27 12.78
CA ILE C 649 19.53 -0.21 11.76
C ILE C 649 19.70 -1.73 11.44
N TYR C 650 20.93 -2.21 11.44
CA TYR C 650 21.19 -3.63 11.12
C TYR C 650 20.68 -4.65 12.15
N ASP C 651 20.20 -4.17 13.29
CA ASP C 651 19.51 -5.07 14.22
C ASP C 651 18.11 -5.36 13.69
N PHE C 652 17.66 -4.60 12.70
CA PHE C 652 16.27 -4.69 12.25
C PHE C 652 16.07 -5.01 10.78
N THR C 653 16.88 -4.39 9.93
CA THR C 653 16.72 -4.55 8.50
C THR C 653 17.99 -4.12 7.79
N PRO C 654 18.24 -4.65 6.59
CA PRO C 654 19.24 -4.02 5.75
C PRO C 654 18.70 -2.67 5.26
N ILE C 655 19.56 -1.91 4.58
CA ILE C 655 19.14 -0.68 3.93
C ILE C 655 19.63 -0.68 2.49
N GLN C 656 19.11 0.25 1.71
CA GLN C 656 19.43 0.33 0.28
C GLN C 656 18.93 1.68 -0.29
N TYR C 657 18.85 1.77 -1.62
CA TYR C 657 18.25 2.95 -2.23
C TYR C 657 16.95 2.53 -2.90
N PRO C 658 15.95 3.42 -2.88
CA PRO C 658 14.72 3.03 -3.56
C PRO C 658 14.97 2.90 -5.05
N ALA C 659 14.49 1.82 -5.67
CA ALA C 659 14.73 1.57 -7.10
C ALA C 659 16.23 1.59 -7.44
N ASP C 660 17.06 1.56 -6.41
CA ASP C 660 18.47 1.47 -6.64
C ASP C 660 19.00 2.76 -7.26
N ASP C 661 18.35 3.89 -6.99
CA ASP C 661 18.86 5.15 -7.43
C ASP C 661 19.93 5.64 -6.47
N THR C 662 21.18 5.63 -6.93
CA THR C 662 22.30 5.96 -6.05
C THR C 662 22.41 7.45 -5.73
N SER C 663 21.67 8.29 -6.46
CA SER C 663 21.70 9.73 -6.22
C SER C 663 20.57 10.14 -5.28
N SER C 664 19.76 9.17 -4.86
CA SER C 664 18.66 9.44 -3.94
C SER C 664 19.17 10.12 -2.68
N GLU C 665 18.35 11.04 -2.17
CA GLU C 665 18.67 11.81 -0.97
C GLU C 665 18.50 10.94 0.28
N TRP C 666 17.60 9.97 0.20
CA TRP C 666 17.33 9.07 1.31
C TRP C 666 17.71 7.63 1.05
N ARG C 667 18.22 6.98 2.08
CA ARG C 667 18.34 5.54 2.07
C ARG C 667 17.04 4.93 2.60
N THR C 668 16.62 3.80 2.03
CA THR C 668 15.41 3.15 2.50
C THR C 668 15.66 1.86 3.22
N THR C 669 14.69 1.45 4.02
CA THR C 669 14.78 0.15 4.67
C THR C 669 14.55 -0.94 3.64
N HIS C 670 15.27 -2.04 3.79
CA HIS C 670 15.20 -3.15 2.83
C HIS C 670 13.88 -3.91 3.03
N PHE C 671 13.50 -4.10 4.30
CA PHE C 671 12.19 -4.65 4.65
C PHE C 671 11.20 -3.49 4.58
N ASP C 672 9.93 -3.74 4.21
CA ASP C 672 8.94 -2.65 4.27
C ASP C 672 8.51 -2.39 5.71
N PHE C 673 7.75 -1.33 5.94
CA PHE C 673 7.30 -1.00 7.28
C PHE C 673 6.47 -2.11 7.87
N HIS C 674 5.62 -2.73 7.07
CA HIS C 674 4.83 -3.81 7.63
C HIS C 674 5.69 -4.89 8.30
N SER C 675 6.81 -5.29 7.73
CA SER C 675 7.57 -6.35 8.35
C SER C 675 8.16 -5.93 9.68
N ILE C 676 8.31 -4.64 9.92
CA ILE C 676 8.98 -4.23 11.15
C ILE C 676 8.12 -3.33 12.00
N HIS C 677 6.83 -3.29 11.67
CA HIS C 677 5.79 -2.54 12.40
C HIS C 677 6.04 -2.52 13.89
N ASP C 678 6.43 -3.67 14.43
CA ASP C 678 6.47 -3.85 15.87
C ASP C 678 7.82 -3.52 16.54
N ASN C 679 8.78 -3.02 15.78
CA ASN C 679 10.14 -2.90 16.28
C ASN C 679 10.66 -1.49 16.42
N LEU C 680 10.14 -0.57 15.60
CA LEU C 680 10.60 0.79 15.56
C LEU C 680 9.44 1.75 15.28
N LEU C 681 9.51 2.92 15.91
CA LEU C 681 8.46 3.89 15.80
C LEU C 681 8.57 4.51 14.43
N LYS C 682 7.42 4.94 13.89
CA LYS C 682 7.35 5.61 12.57
C LYS C 682 6.69 6.99 12.70
N LEU C 683 7.27 7.96 12.02
CA LEU C 683 6.64 9.26 11.88
C LEU C 683 6.03 9.30 10.49
N ASP C 684 4.70 9.31 10.42
CA ASP C 684 4.04 9.39 9.13
C ASP C 684 3.99 10.84 8.71
N ILE C 685 5.09 11.29 8.14
CA ILE C 685 5.19 12.65 7.62
C ILE C 685 4.61 12.71 6.21
N LEU C 686 3.32 13.01 6.12
CA LEU C 686 2.60 12.80 4.85
C LEU C 686 2.42 14.03 3.99
N GLY C 687 2.07 13.84 2.72
CA GLY C 687 1.77 14.97 1.86
C GLY C 687 0.27 15.03 1.61
N HIS C 688 -0.29 16.23 1.54
CA HIS C 688 -1.73 16.34 1.37
C HIS C 688 -2.03 17.70 0.78
N ASP C 689 -3.12 17.83 0.02
CA ASP C 689 -3.50 19.10 -0.60
C ASP C 689 -4.28 20.05 0.33
N ASP C 690 -4.97 19.50 1.34
CA ASP C 690 -5.79 20.35 2.21
C ASP C 690 -5.01 21.52 2.81
N PRO C 691 -3.81 21.26 3.35
CA PRO C 691 -3.02 22.35 3.93
C PRO C 691 -2.62 23.39 2.88
N THR C 692 -2.18 22.89 1.75
CA THR C 692 -1.81 23.76 0.66
C THR C 692 -2.97 24.66 0.23
N VAL C 693 -4.14 24.05 0.02
CA VAL C 693 -5.31 24.80 -0.40
C VAL C 693 -5.64 25.88 0.63
N ILE C 694 -5.81 25.48 1.90
CA ILE C 694 -6.27 26.50 2.81
C ILE C 694 -5.18 27.53 3.04
N ARG C 695 -3.91 27.14 2.91
CA ARG C 695 -2.82 28.13 2.91
C ARG C 695 -3.01 29.15 1.80
N MET C 696 -3.36 28.71 0.61
CA MET C 696 -3.56 29.65 -0.48
C MET C 696 -4.80 30.47 -0.23
N LEU C 697 -5.86 29.83 0.22
CA LEU C 697 -7.06 30.56 0.60
C LEU C 697 -6.66 31.65 1.60
N GLN C 698 -5.88 31.32 2.60
CA GLN C 698 -5.44 32.34 3.55
C GLN C 698 -4.56 33.44 2.92
N ASP C 699 -3.57 33.05 2.11
CA ASP C 699 -2.66 34.06 1.53
C ASP C 699 -3.36 34.95 0.50
N LEU C 700 -4.60 34.63 0.14
CA LEU C 700 -5.28 35.42 -0.88
C LEU C 700 -6.31 36.35 -0.27
N SER C 701 -6.85 35.96 0.87
CA SER C 701 -7.97 36.66 1.49
C SER C 701 -7.52 37.44 2.72
N GLY C 702 -6.39 37.06 3.27
CA GLY C 702 -5.91 37.63 4.51
C GLY C 702 -6.68 37.10 5.71
N ILE C 703 -7.45 36.03 5.53
CA ILE C 703 -8.28 35.54 6.62
C ILE C 703 -7.63 34.37 7.36
N ASP C 704 -7.66 34.44 8.68
CA ASP C 704 -7.10 33.38 9.48
C ASP C 704 -8.10 32.23 9.66
N PRO C 705 -7.82 31.10 9.00
CA PRO C 705 -8.68 29.93 9.01
C PRO C 705 -9.07 29.47 10.39
N LYS C 706 -8.20 29.65 11.38
CA LYS C 706 -8.57 29.30 12.75
C LYS C 706 -9.72 30.16 13.27
N THR C 707 -10.04 31.28 12.63
CA THR C 707 -11.14 32.14 13.11
C THR C 707 -12.47 31.75 12.50
N ILE C 708 -12.42 30.81 11.57
CA ILE C 708 -13.62 30.42 10.86
C ILE C 708 -14.58 29.62 11.76
N PRO C 709 -15.86 30.01 11.75
CA PRO C 709 -16.86 29.29 12.55
C PRO C 709 -17.24 27.92 11.98
N THR C 710 -17.52 26.99 12.88
CA THR C 710 -17.93 25.65 12.55
C THR C 710 -19.46 25.47 12.69
N ASP C 711 -20.20 26.59 12.75
CA ASP C 711 -21.66 26.49 12.84
C ASP C 711 -22.31 27.60 12.03
N ASP C 712 -21.58 28.08 11.03
CA ASP C 712 -22.09 29.05 10.07
C ASP C 712 -23.20 28.39 9.27
N PRO C 713 -24.44 28.87 9.44
CA PRO C 713 -25.56 28.17 8.80
C PRO C 713 -25.41 28.07 7.28
N ASP C 714 -24.92 29.14 6.64
CA ASP C 714 -24.80 29.14 5.20
C ASP C 714 -23.72 28.18 4.75
N VAL C 715 -22.63 28.14 5.51
CA VAL C 715 -21.56 27.21 5.16
C VAL C 715 -22.08 25.79 5.34
N MET C 716 -22.61 25.48 6.50
CA MET C 716 -23.06 24.10 6.77
C MET C 716 -24.21 23.66 5.87
N GLY C 717 -24.98 24.63 5.36
CA GLY C 717 -26.03 24.31 4.41
C GLY C 717 -25.58 23.60 3.15
N ILE C 718 -24.35 23.82 2.71
CA ILE C 718 -23.92 23.22 1.46
C ILE C 718 -23.82 21.71 1.60
N PHE C 719 -23.87 21.22 2.83
CA PHE C 719 -23.71 19.77 2.99
C PHE C 719 -25.04 19.06 2.75
N SER C 720 -26.08 19.82 2.42
CA SER C 720 -27.37 19.24 2.20
C SER C 720 -28.21 19.98 1.15
N SER C 721 -27.60 20.91 0.44
CA SER C 721 -28.36 21.78 -0.43
C SER C 721 -27.44 22.65 -1.25
N THR C 722 -27.93 23.07 -2.42
CA THR C 722 -27.22 24.01 -3.25
C THR C 722 -27.59 25.48 -2.97
N GLU C 723 -28.67 25.71 -2.22
CA GLU C 723 -29.09 27.04 -1.75
C GLU C 723 -27.95 28.02 -1.45
N PRO C 724 -27.03 27.63 -0.57
CA PRO C 724 -25.99 28.57 -0.16
C PRO C 724 -25.13 29.08 -1.31
N LEU C 725 -25.20 28.41 -2.46
CA LEU C 725 -24.30 28.69 -3.57
C LEU C 725 -24.97 29.63 -4.56
N GLY C 726 -26.28 29.82 -4.38
CA GLY C 726 -27.08 30.65 -5.30
C GLY C 726 -27.25 29.95 -6.64
N VAL C 727 -27.32 28.62 -6.62
CA VAL C 727 -27.59 27.91 -7.86
C VAL C 727 -28.59 26.80 -7.66
N THR C 728 -29.16 26.38 -8.77
CA THR C 728 -30.10 25.30 -8.83
C THR C 728 -29.36 23.96 -8.90
N PRO C 729 -29.98 22.89 -8.35
CA PRO C 729 -29.51 21.52 -8.60
C PRO C 729 -29.40 21.23 -10.10
N GLU C 730 -30.40 21.68 -10.86
CA GLU C 730 -30.38 21.55 -12.32
C GLU C 730 -29.20 22.32 -12.94
N GLN C 731 -28.97 23.53 -12.45
CA GLN C 731 -27.85 24.30 -12.95
C GLN C 731 -26.51 23.55 -12.82
N ILE C 732 -26.28 22.88 -11.70
CA ILE C 732 -24.97 22.26 -11.51
C ILE C 732 -24.99 20.74 -11.54
N MET C 733 -26.12 20.15 -11.89
CA MET C 733 -26.19 18.70 -12.02
C MET C 733 -25.85 18.02 -10.70
N CYS C 734 -26.37 18.57 -9.61
CA CYS C 734 -26.02 18.07 -8.28
C CYS C 734 -27.01 18.63 -7.27
N ASN C 735 -27.34 17.83 -6.26
CA ASN C 735 -28.35 18.22 -5.28
C ASN C 735 -27.77 18.81 -4.03
N VAL C 736 -26.47 18.67 -3.83
CA VAL C 736 -25.89 19.23 -2.63
C VAL C 736 -24.77 20.15 -3.04
N GLY C 737 -24.28 20.96 -2.12
CA GLY C 737 -23.28 21.98 -2.47
C GLY C 737 -21.82 21.59 -2.28
N THR C 738 -21.53 20.31 -2.15
CA THR C 738 -20.18 19.91 -1.79
C THR C 738 -19.25 19.61 -2.97
N ILE C 739 -19.56 20.08 -4.15
CA ILE C 739 -18.61 19.83 -5.22
C ILE C 739 -17.22 20.46 -4.92
N GLY C 740 -16.16 19.67 -5.04
CA GLY C 740 -14.79 20.16 -4.81
C GLY C 740 -14.29 20.05 -3.38
N ILE C 741 -15.22 19.90 -2.44
CA ILE C 741 -14.90 19.81 -1.01
C ILE C 741 -14.21 18.47 -0.72
N PRO C 742 -12.99 18.50 -0.17
CA PRO C 742 -12.29 17.23 0.00
C PRO C 742 -13.18 16.17 0.66
N GLU C 743 -13.13 14.94 0.16
CA GLU C 743 -13.93 13.82 0.71
C GLU C 743 -15.44 13.94 0.44
N PHE C 744 -16.02 15.12 0.59
CA PHE C 744 -17.46 15.22 0.47
C PHE C 744 -17.98 15.45 -0.94
N GLY C 745 -17.09 15.54 -1.92
CA GLY C 745 -17.47 16.02 -3.25
C GLY C 745 -17.66 14.89 -4.23
N THR C 746 -17.16 13.74 -3.85
CA THR C 746 -17.36 12.50 -4.55
C THR C 746 -18.81 12.16 -4.84
N ARG C 747 -19.05 11.42 -5.90
CA ARG C 747 -20.43 11.11 -6.26
C ARG C 747 -21.12 10.27 -5.17
N PHE C 748 -20.40 9.26 -4.68
CA PHE C 748 -20.90 8.41 -3.62
C PHE C 748 -21.30 9.24 -2.39
N VAL C 749 -20.41 10.12 -1.97
CA VAL C 749 -20.62 10.86 -0.74
C VAL C 749 -21.71 11.92 -0.90
N ARG C 750 -21.77 12.56 -2.06
CA ARG C 750 -22.88 13.45 -2.36
C ARG C 750 -24.20 12.72 -2.20
N GLN C 751 -24.29 11.50 -2.70
CA GLN C 751 -25.53 10.75 -2.57
C GLN C 751 -25.85 10.48 -1.07
N MET C 752 -24.86 10.01 -0.31
CA MET C 752 -25.03 9.86 1.15
C MET C 752 -25.54 11.14 1.79
N LEU C 753 -25.01 12.29 1.37
CA LEU C 753 -25.43 13.56 1.94
C LEU C 753 -26.89 13.82 1.60
N GLU C 754 -27.26 13.47 0.38
CA GLU C 754 -28.59 13.73 -0.09
C GLU C 754 -29.55 13.01 0.82
N GLU C 755 -29.15 11.83 1.28
CA GLU C 755 -30.08 11.06 2.05
C GLU C 755 -29.95 11.29 3.56
N THR C 756 -28.83 11.87 4.01
CA THR C 756 -28.64 12.06 5.45
C THR C 756 -28.76 13.50 5.94
N ARG C 757 -28.64 14.46 5.03
CA ARG C 757 -28.73 15.88 5.36
C ARG C 757 -28.15 16.31 6.72
N PRO C 758 -26.86 16.05 6.95
CA PRO C 758 -26.17 16.53 8.15
C PRO C 758 -26.10 18.03 8.13
N LYS C 759 -26.27 18.67 9.29
CA LYS C 759 -26.11 20.14 9.43
C LYS C 759 -25.10 20.50 10.52
N THR C 760 -25.00 19.61 11.49
CA THR C 760 -24.19 19.78 12.67
C THR C 760 -22.74 19.32 12.39
N PHE C 761 -21.76 19.90 13.08
CA PHE C 761 -20.39 19.43 12.92
C PHE C 761 -20.35 17.93 13.20
N SER C 762 -20.93 17.51 14.31
CA SER C 762 -20.85 16.09 14.65
C SER C 762 -21.63 15.16 13.70
N GLU C 763 -22.63 15.68 13.00
CA GLU C 763 -23.30 14.88 12.00
C GLU C 763 -22.37 14.66 10.79
N LEU C 764 -21.70 15.72 10.37
CA LEU C 764 -20.66 15.61 9.34
C LEU C 764 -19.60 14.62 9.78
N VAL C 765 -19.16 14.72 11.03
CA VAL C 765 -18.23 13.72 11.56
C VAL C 765 -18.73 12.25 11.49
N GLN C 766 -19.98 12.01 11.84
CA GLN C 766 -20.60 10.70 11.63
C GLN C 766 -20.51 10.30 10.12
N ILE C 767 -20.87 11.21 9.21
CA ILE C 767 -20.82 10.89 7.79
C ILE C 767 -19.37 10.63 7.29
N SER C 768 -18.42 11.39 7.78
CA SER C 768 -17.06 11.16 7.39
C SER C 768 -16.66 9.72 7.69
N GLY C 769 -16.97 9.26 8.90
CA GLY C 769 -16.75 7.86 9.24
C GLY C 769 -17.46 6.88 8.31
N LEU C 770 -18.76 7.07 8.08
CA LEU C 770 -19.56 6.11 7.28
C LEU C 770 -19.16 6.05 5.80
N SER C 771 -18.58 7.13 5.29
CA SER C 771 -18.27 7.21 3.88
C SER C 771 -16.85 6.75 3.49
N HIS C 772 -16.09 6.17 4.43
CA HIS C 772 -14.74 5.71 4.14
C HIS C 772 -14.49 4.24 4.57
N GLY C 773 -14.47 3.32 3.62
CA GLY C 773 -14.41 1.92 4.00
C GLY C 773 -15.54 1.12 3.39
N THR C 774 -15.19 -0.04 2.87
CA THR C 774 -16.11 -0.96 2.24
C THR C 774 -17.02 -1.66 3.24
N ASP C 775 -18.31 -1.70 2.89
CA ASP C 775 -19.33 -2.40 3.67
C ASP C 775 -19.57 -1.66 4.99
N VAL C 776 -19.26 -0.38 5.03
CA VAL C 776 -19.63 0.40 6.20
C VAL C 776 -21.05 0.92 6.06
N TRP C 777 -21.39 1.48 4.89
CA TRP C 777 -22.68 2.11 4.62
C TRP C 777 -23.54 1.19 3.81
N LEU C 778 -23.18 1.06 2.53
CA LEU C 778 -23.83 0.14 1.60
C LEU C 778 -23.92 -1.24 2.23
N GLY C 779 -25.12 -1.82 2.28
CA GLY C 779 -25.28 -3.17 2.80
C GLY C 779 -25.09 -3.32 4.31
N ASN C 780 -24.82 -2.22 5.00
CA ASN C 780 -24.62 -2.26 6.43
C ASN C 780 -25.46 -1.14 7.05
N ALA C 781 -24.81 -0.06 7.51
CA ALA C 781 -25.51 1.04 8.17
C ALA C 781 -26.72 1.55 7.37
N GLN C 782 -26.54 1.68 6.06
CA GLN C 782 -27.64 2.23 5.28
C GLN C 782 -28.85 1.34 5.50
N GLU C 783 -28.67 0.04 5.42
CA GLU C 783 -29.82 -0.83 5.61
C GLU C 783 -30.42 -0.76 7.02
N LEU C 784 -29.55 -0.68 8.01
CA LEU C 784 -29.99 -0.61 9.39
C LEU C 784 -30.86 0.60 9.66
N ILE C 785 -30.51 1.71 9.01
CA ILE C 785 -31.29 2.92 9.15
C ILE C 785 -32.62 2.78 8.43
N GLN C 786 -32.58 2.23 7.22
CA GLN C 786 -33.78 2.13 6.43
C GLN C 786 -34.77 1.09 6.96
N ASN C 787 -34.27 0.01 7.58
CA ASN C 787 -35.06 -1.06 8.25
C ASN C 787 -35.67 -0.50 9.51
N GLY C 788 -35.17 0.64 9.95
CA GLY C 788 -35.53 1.13 11.27
C GLY C 788 -34.94 0.32 12.41
N THR C 789 -33.99 -0.56 12.13
CA THR C 789 -33.41 -1.33 13.21
C THR C 789 -32.54 -0.47 14.14
N CYS C 790 -32.05 0.66 13.64
CA CYS C 790 -31.51 1.71 14.53
C CYS C 790 -31.44 3.07 13.85
N THR C 791 -31.11 4.11 14.60
CA THR C 791 -31.06 5.46 14.03
C THR C 791 -29.72 5.81 13.42
N LEU C 792 -29.71 6.93 12.71
CA LEU C 792 -28.51 7.37 12.05
C LEU C 792 -27.40 7.49 13.07
N SER C 793 -27.70 8.10 14.20
CA SER C 793 -26.69 8.40 15.21
C SER C 793 -26.23 7.15 15.98
N GLU C 794 -27.05 6.12 15.95
CA GLU C 794 -26.77 4.87 16.65
C GLU C 794 -25.95 3.90 15.84
N VAL C 795 -25.84 4.16 14.55
CA VAL C 795 -25.12 3.30 13.61
C VAL C 795 -23.63 3.49 13.87
N ILE C 796 -22.80 2.49 13.56
CA ILE C 796 -21.38 2.56 13.90
C ILE C 796 -20.60 3.46 12.94
N GLY C 797 -20.15 4.62 13.42
CA GLY C 797 -19.59 5.64 12.53
C GLY C 797 -18.13 5.99 12.75
N CYS C 798 -17.53 5.36 13.76
CA CYS C 798 -16.11 5.48 13.98
C CYS C 798 -15.72 4.32 14.86
N ARG C 799 -14.48 3.90 14.76
CA ARG C 799 -13.98 2.80 15.57
C ARG C 799 -14.19 3.09 17.04
N ASP C 800 -14.13 4.36 17.42
CA ASP C 800 -14.19 4.69 18.85
C ASP C 800 -15.52 4.21 19.42
N ASP C 801 -16.62 4.47 18.71
CA ASP C 801 -17.92 4.16 19.25
C ASP C 801 -18.06 2.68 19.56
N ILE C 802 -17.27 1.83 18.91
CA ILE C 802 -17.37 0.41 19.20
C ILE C 802 -16.84 0.16 20.59
N MET C 803 -15.71 0.76 20.90
CA MET C 803 -15.13 0.54 22.20
C MET C 803 -16.06 1.10 23.25
N VAL C 804 -16.39 2.38 23.10
CA VAL C 804 -17.15 3.09 24.11
C VAL C 804 -18.47 2.37 24.40
N TYR C 805 -19.05 1.75 23.38
CA TYR C 805 -20.33 1.08 23.54
C TYR C 805 -20.14 -0.26 24.18
N LEU C 806 -19.04 -0.93 23.86
CA LEU C 806 -18.83 -2.24 24.45
C LEU C 806 -18.51 -2.11 25.94
N ILE C 807 -17.85 -1.02 26.32
CA ILE C 807 -17.62 -0.80 27.73
C ILE C 807 -18.96 -0.49 28.40
N TYR C 808 -19.71 0.41 27.79
CA TYR C 808 -21.04 0.71 28.25
C TYR C 808 -21.84 -0.56 28.48
N ARG C 809 -21.80 -1.47 27.51
CA ARG C 809 -22.57 -2.69 27.61
C ARG C 809 -22.04 -3.65 28.69
N GLY C 810 -20.95 -3.27 29.38
CA GLY C 810 -20.39 -4.12 30.42
C GLY C 810 -19.01 -4.75 30.19
N LEU C 811 -18.60 -4.96 28.94
CA LEU C 811 -17.33 -5.68 28.68
C LEU C 811 -16.12 -5.01 29.30
N GLU C 812 -15.04 -5.77 29.42
CA GLU C 812 -13.77 -5.28 29.96
C GLU C 812 -13.08 -4.36 28.97
N PRO C 813 -12.69 -3.17 29.40
CA PRO C 813 -12.23 -2.21 28.41
C PRO C 813 -11.16 -2.78 27.44
N SER C 814 -10.15 -3.45 27.98
CA SER C 814 -9.08 -3.97 27.13
C SER C 814 -9.68 -4.87 26.05
N LEU C 815 -10.71 -5.62 26.40
CA LEU C 815 -11.37 -6.50 25.45
C LEU C 815 -12.18 -5.67 24.44
N ALA C 816 -12.80 -4.59 24.90
CA ALA C 816 -13.58 -3.75 24.02
C ALA C 816 -12.61 -3.09 23.05
N PHE C 817 -11.45 -2.70 23.55
CA PHE C 817 -10.41 -2.17 22.68
C PHE C 817 -10.02 -3.22 21.62
N LYS C 818 -9.74 -4.45 22.04
CA LYS C 818 -9.29 -5.46 21.09
C LYS C 818 -10.32 -5.63 19.99
N ILE C 819 -11.59 -5.50 20.35
CA ILE C 819 -12.66 -5.81 19.41
C ILE C 819 -12.78 -4.69 18.42
N MET C 820 -12.68 -3.46 18.92
CA MET C 820 -12.64 -2.29 18.05
C MET C 820 -11.49 -2.42 17.07
N GLU C 821 -10.32 -2.74 17.56
CA GLU C 821 -9.15 -2.83 16.70
C GLU C 821 -9.36 -3.89 15.63
N SER C 822 -10.04 -4.98 15.98
CA SER C 822 -10.25 -6.04 15.02
C SER C 822 -11.19 -5.60 13.88
N VAL C 823 -12.32 -4.98 14.21
CA VAL C 823 -13.24 -4.66 13.14
C VAL C 823 -12.75 -3.50 12.26
N ARG C 824 -12.04 -2.57 12.86
CA ARG C 824 -11.58 -1.40 12.10
C ARG C 824 -10.45 -1.77 11.14
N LYS C 825 -9.90 -2.97 11.31
CA LYS C 825 -8.92 -3.50 10.35
C LYS C 825 -9.63 -4.48 9.40
N GLY C 826 -10.96 -4.53 9.50
CA GLY C 826 -11.74 -5.45 8.70
C GLY C 826 -11.37 -6.90 8.97
N LYS C 827 -11.10 -7.21 10.24
CA LYS C 827 -10.76 -8.59 10.63
C LYS C 827 -11.94 -9.31 11.30
N GLY C 828 -13.06 -8.61 11.44
CA GLY C 828 -14.27 -9.23 11.96
C GLY C 828 -14.17 -9.64 13.42
N LEU C 829 -14.96 -10.65 13.79
CA LEU C 829 -15.11 -11.08 15.17
C LEU C 829 -14.71 -12.54 15.28
N THR C 830 -13.98 -12.89 16.33
CA THR C 830 -13.73 -14.27 16.63
C THR C 830 -14.89 -14.77 17.46
N PRO C 831 -15.03 -16.09 17.55
CA PRO C 831 -16.08 -16.69 18.40
C PRO C 831 -16.12 -16.12 19.83
N GLU C 832 -14.94 -16.03 20.46
CA GLU C 832 -14.80 -15.45 21.80
C GLU C 832 -15.37 -14.02 21.90
N PHE C 833 -15.13 -13.20 20.86
CA PHE C 833 -15.69 -11.86 20.82
C PHE C 833 -17.21 -11.93 20.75
N GLU C 834 -17.74 -12.75 19.85
CA GLU C 834 -19.19 -12.84 19.74
C GLU C 834 -19.74 -13.24 21.10
N ALA C 835 -19.15 -14.27 21.67
CA ALA C 835 -19.63 -14.79 22.95
C ALA C 835 -19.65 -13.67 24.01
N GLU C 836 -18.59 -12.86 24.07
CA GLU C 836 -18.53 -11.82 25.09
C GLU C 836 -19.56 -10.76 24.76
N MET C 837 -19.72 -10.51 23.47
CA MET C 837 -20.72 -9.54 23.08
C MET C 837 -22.12 -10.05 23.42
N ARG C 838 -22.43 -11.30 23.07
CA ARG C 838 -23.82 -11.80 23.30
C ARG C 838 -24.09 -11.83 24.78
N LYS C 839 -23.12 -12.36 25.52
CA LYS C 839 -23.24 -12.51 26.94
C LYS C 839 -23.57 -11.16 27.61
N HIS C 840 -23.28 -10.06 26.92
CA HIS C 840 -23.64 -8.75 27.46
C HIS C 840 -24.79 -8.02 26.78
N ASP C 841 -25.64 -8.75 26.07
CA ASP C 841 -26.87 -8.19 25.51
C ASP C 841 -26.60 -7.32 24.30
N VAL C 842 -25.38 -7.38 23.78
CA VAL C 842 -25.12 -6.76 22.51
C VAL C 842 -25.99 -7.49 21.48
N PRO C 843 -26.87 -6.74 20.78
CA PRO C 843 -27.84 -7.27 19.83
C PRO C 843 -27.17 -7.91 18.62
N GLU C 844 -27.84 -8.88 18.03
CA GLU C 844 -27.29 -9.61 16.90
C GLU C 844 -27.02 -8.68 15.71
N TRP C 845 -27.85 -7.67 15.49
CA TRP C 845 -27.67 -6.83 14.33
C TRP C 845 -26.38 -6.06 14.48
N TYR C 846 -26.03 -5.73 15.72
CA TYR C 846 -24.82 -5.00 15.97
C TYR C 846 -23.60 -5.88 15.72
N ILE C 847 -23.67 -7.13 16.15
CA ILE C 847 -22.55 -8.04 15.98
C ILE C 847 -22.34 -8.25 14.50
N ASP C 848 -23.44 -8.39 13.79
CA ASP C 848 -23.42 -8.74 12.40
C ASP C 848 -22.89 -7.56 11.60
N SER C 849 -23.16 -6.37 12.11
CA SER C 849 -22.66 -5.17 11.49
C SER C 849 -21.14 -5.04 11.68
N CYS C 850 -20.62 -5.45 12.82
CA CYS C 850 -19.17 -5.46 13.01
C CYS C 850 -18.48 -6.38 12.04
N LYS C 851 -19.13 -7.49 11.72
CA LYS C 851 -18.45 -8.48 10.88
C LYS C 851 -18.33 -7.98 9.45
N LYS C 852 -19.10 -6.96 9.09
CA LYS C 852 -19.04 -6.51 7.71
C LYS C 852 -17.93 -5.49 7.48
N ILE C 853 -17.71 -4.61 8.44
CA ILE C 853 -16.86 -3.45 8.23
C ILE C 853 -15.46 -3.85 7.71
N LYS C 854 -15.06 -3.33 6.54
CA LYS C 854 -13.78 -3.71 5.98
C LYS C 854 -12.68 -2.77 6.43
N TYR C 855 -13.08 -1.53 6.73
CA TYR C 855 -12.16 -0.51 7.22
C TYR C 855 -12.92 0.56 8.00
N MET C 856 -12.25 1.30 8.90
CA MET C 856 -12.96 2.35 9.69
C MET C 856 -12.10 3.39 10.44
N PHE C 857 -12.43 4.67 10.18
CA PHE C 857 -11.76 5.81 10.76
C PHE C 857 -11.74 5.74 12.29
N PRO C 858 -10.74 6.37 12.90
CA PRO C 858 -10.86 6.78 14.31
C PRO C 858 -11.48 8.18 14.36
N LYS C 859 -12.34 8.45 15.35
CA LYS C 859 -13.06 9.72 15.42
C LYS C 859 -12.15 10.94 15.21
N ALA C 860 -10.94 10.89 15.75
CA ALA C 860 -10.05 12.04 15.68
C ALA C 860 -9.68 12.35 14.22
N HIS C 861 -9.47 11.32 13.41
CA HIS C 861 -9.18 11.58 12.02
C HIS C 861 -10.38 12.24 11.34
N ALA C 862 -11.57 11.68 11.56
CA ALA C 862 -12.80 12.22 11.01
C ALA C 862 -12.99 13.66 11.42
N ALA C 863 -12.69 13.97 12.68
CA ALA C 863 -12.88 15.35 13.16
C ALA C 863 -11.88 16.31 12.45
N ALA C 864 -10.63 15.89 12.41
CA ALA C 864 -9.57 16.62 11.74
C ALA C 864 -10.01 16.89 10.30
N TYR C 865 -10.44 15.84 9.57
CA TYR C 865 -10.75 16.09 8.15
C TYR C 865 -11.97 17.00 7.99
N VAL C 866 -12.98 16.77 8.83
CA VAL C 866 -14.18 17.57 8.75
C VAL C 866 -13.90 19.03 8.99
N LEU C 867 -13.10 19.31 10.01
CA LEU C 867 -12.69 20.69 10.33
C LEU C 867 -12.02 21.35 9.12
N MET C 868 -11.23 20.57 8.40
CA MET C 868 -10.52 21.05 7.22
C MET C 868 -11.52 21.30 6.10
N ALA C 869 -12.46 20.39 5.95
CA ALA C 869 -13.46 20.53 4.89
C ALA C 869 -14.37 21.73 5.14
N VAL C 870 -14.61 22.05 6.41
CA VAL C 870 -15.50 23.15 6.73
C VAL C 870 -14.80 24.48 6.53
N ARG C 871 -13.51 24.53 6.84
CA ARG C 871 -12.76 25.77 6.62
C ARG C 871 -12.82 26.13 5.14
N ILE C 872 -12.53 25.16 4.29
CA ILE C 872 -12.60 25.29 2.86
C ILE C 872 -14.01 25.67 2.40
N ALA C 873 -15.00 25.06 3.01
CA ALA C 873 -16.38 25.34 2.62
C ALA C 873 -16.64 26.83 2.80
N TYR C 874 -16.07 27.39 3.85
CA TYR C 874 -16.30 28.80 4.17
C TYR C 874 -15.84 29.65 3.00
N PHE C 875 -14.79 29.22 2.32
CA PHE C 875 -14.40 30.00 1.15
C PHE C 875 -15.32 29.64 -0.03
N LYS C 876 -15.67 28.36 -0.16
CA LYS C 876 -16.51 27.99 -1.28
C LYS C 876 -17.71 28.95 -1.33
N VAL C 877 -18.21 29.29 -0.13
CA VAL C 877 -19.44 30.04 -0.03
C VAL C 877 -19.25 31.53 -0.02
N HIS C 878 -18.27 32.05 0.72
CA HIS C 878 -18.18 33.50 0.89
C HIS C 878 -17.18 34.21 -0.05
N HIS C 879 -16.28 33.42 -0.64
CA HIS C 879 -15.19 33.94 -1.45
C HIS C 879 -14.99 32.95 -2.58
N PRO C 880 -16.02 32.78 -3.40
CA PRO C 880 -16.05 31.72 -4.40
C PRO C 880 -14.84 31.68 -5.33
N LEU C 881 -14.41 32.82 -5.86
CA LEU C 881 -13.30 32.82 -6.82
C LEU C 881 -12.00 32.37 -6.18
N LEU C 882 -11.82 32.72 -4.92
CA LEU C 882 -10.65 32.27 -4.18
C LEU C 882 -10.71 30.76 -4.05
N TYR C 883 -11.89 30.27 -3.76
CA TYR C 883 -12.11 28.84 -3.69
C TYR C 883 -11.75 28.16 -5.02
N TYR C 884 -12.22 28.71 -6.14
CA TYR C 884 -11.89 28.07 -7.43
C TYR C 884 -10.43 28.29 -7.84
N ALA C 885 -9.89 29.45 -7.59
CA ALA C 885 -8.52 29.63 -8.00
C ALA C 885 -7.69 28.59 -7.25
N SER C 886 -7.95 28.43 -5.95
CA SER C 886 -7.18 27.46 -5.14
C SER C 886 -7.42 26.02 -5.56
N TYR C 887 -8.65 25.71 -5.98
CA TYR C 887 -8.97 24.36 -6.41
C TYR C 887 -8.19 23.94 -7.66
N PHE C 888 -8.29 24.75 -8.70
CA PHE C 888 -7.64 24.43 -9.96
C PHE C 888 -6.14 24.60 -9.87
N THR C 889 -5.68 25.39 -8.93
CA THR C 889 -4.24 25.55 -8.84
C THR C 889 -3.62 24.31 -8.22
N VAL C 890 -4.15 23.91 -7.06
CA VAL C 890 -3.56 22.91 -6.20
C VAL C 890 -4.00 21.47 -6.54
N ARG C 891 -5.28 21.26 -6.84
CA ARG C 891 -5.84 19.90 -6.92
C ARG C 891 -5.99 19.32 -8.32
N ALA C 892 -6.40 20.14 -9.29
CA ALA C 892 -6.69 19.64 -10.65
C ALA C 892 -5.43 19.40 -11.48
N GLU C 893 -5.44 18.32 -12.26
CA GLU C 893 -4.34 18.05 -13.18
C GLU C 893 -4.85 17.61 -14.54
N ASP C 894 -6.16 17.61 -14.70
CA ASP C 894 -6.78 17.19 -15.95
C ASP C 894 -7.78 18.24 -16.35
N PHE C 895 -7.57 18.81 -17.53
CA PHE C 895 -8.46 19.86 -18.04
C PHE C 895 -8.86 19.58 -19.49
N ASP C 896 -9.97 20.22 -19.87
CA ASP C 896 -10.34 20.45 -21.24
C ASP C 896 -10.50 21.95 -21.32
N LEU C 897 -9.42 22.66 -21.59
CA LEU C 897 -9.42 24.13 -21.53
C LEU C 897 -10.39 24.76 -22.53
N ASP C 898 -10.44 24.27 -23.75
CA ASP C 898 -11.39 24.83 -24.69
C ASP C 898 -12.84 24.71 -24.17
N ALA C 899 -13.16 23.56 -23.59
CA ALA C 899 -14.48 23.39 -23.05
C ALA C 899 -14.69 24.44 -21.98
N MET C 900 -13.79 24.44 -20.99
CA MET C 900 -13.90 25.37 -19.85
C MET C 900 -14.03 26.82 -20.32
N ILE C 901 -13.23 27.22 -21.30
CA ILE C 901 -13.29 28.59 -21.79
C ILE C 901 -14.60 28.92 -22.49
N LYS C 902 -15.05 28.02 -23.35
CA LYS C 902 -16.34 28.20 -24.02
C LYS C 902 -17.44 28.42 -22.99
N GLY C 903 -17.32 27.75 -21.82
CA GLY C 903 -18.25 27.97 -20.72
C GLY C 903 -19.31 26.91 -20.49
N SER C 904 -20.30 27.25 -19.67
CA SER C 904 -21.34 26.30 -19.21
C SER C 904 -21.77 25.20 -20.20
N ALA C 905 -22.45 25.58 -21.27
CA ALA C 905 -22.95 24.58 -22.19
C ALA C 905 -21.84 23.65 -22.67
N ALA C 906 -20.67 24.21 -23.02
CA ALA C 906 -19.57 23.37 -23.49
C ALA C 906 -19.12 22.34 -22.44
N ILE C 907 -18.90 22.80 -21.21
CA ILE C 907 -18.49 21.89 -20.14
C ILE C 907 -19.51 20.78 -19.96
N ARG C 908 -20.76 21.19 -19.80
CA ARG C 908 -21.88 20.27 -19.67
C ARG C 908 -21.80 19.15 -20.74
N LYS C 909 -21.54 19.54 -21.97
CA LYS C 909 -21.37 18.56 -23.03
C LYS C 909 -20.20 17.59 -22.80
N ARG C 910 -19.05 18.06 -22.31
CA ARG C 910 -17.97 17.10 -22.04
C ARG C 910 -18.41 16.13 -20.97
N ILE C 911 -18.91 16.67 -19.84
CA ILE C 911 -19.40 15.88 -18.73
C ILE C 911 -20.38 14.80 -19.17
N GLU C 912 -21.34 15.17 -20.01
CA GLU C 912 -22.32 14.19 -20.46
C GLU C 912 -21.65 13.13 -21.30
N GLU C 913 -20.67 13.54 -22.10
CA GLU C 913 -19.90 12.56 -22.85
C GLU C 913 -19.25 11.51 -21.94
N ILE C 914 -18.70 11.94 -20.81
CA ILE C 914 -18.04 11.03 -19.88
C ILE C 914 -19.01 10.24 -19.02
N ASN C 915 -20.12 10.89 -18.64
CA ASN C 915 -21.19 10.17 -17.97
C ASN C 915 -21.66 8.99 -18.79
N ALA C 916 -21.87 9.20 -20.08
CA ALA C 916 -22.35 8.11 -20.93
C ALA C 916 -21.46 6.85 -20.83
N LYS C 917 -20.17 7.03 -20.50
CA LYS C 917 -19.24 5.89 -20.44
C LYS C 917 -19.37 5.06 -19.14
N GLY C 918 -20.16 5.58 -18.19
CA GLY C 918 -20.36 4.93 -16.90
C GLY C 918 -19.11 4.47 -16.18
N ILE C 919 -19.18 3.28 -15.57
CA ILE C 919 -18.03 2.69 -14.92
C ILE C 919 -17.08 2.12 -15.97
N GLN C 920 -17.40 2.35 -17.24
CA GLN C 920 -16.47 2.04 -18.33
C GLN C 920 -15.65 3.27 -18.69
N ALA C 921 -15.55 4.20 -17.75
CA ALA C 921 -14.71 5.37 -17.95
C ALA C 921 -13.29 5.07 -17.52
N THR C 922 -12.33 5.65 -18.25
CA THR C 922 -10.92 5.51 -17.88
C THR C 922 -10.59 6.39 -16.69
N ALA C 923 -9.74 5.87 -15.80
CA ALA C 923 -9.22 6.64 -14.67
C ALA C 923 -9.01 8.13 -14.98
N LYS C 924 -8.61 8.42 -16.22
CA LYS C 924 -8.24 9.79 -16.57
C LYS C 924 -9.47 10.61 -16.89
N GLU C 925 -10.45 9.95 -17.52
CA GLU C 925 -11.73 10.60 -17.80
C GLU C 925 -12.42 10.91 -16.48
N LYS C 926 -12.22 10.03 -15.51
CA LYS C 926 -12.81 10.21 -14.21
C LYS C 926 -12.16 11.39 -13.52
N SER C 927 -10.86 11.56 -13.73
CA SER C 927 -10.15 12.64 -13.07
C SER C 927 -10.60 13.95 -13.65
N LEU C 928 -10.78 13.94 -14.96
CA LEU C 928 -11.21 15.11 -15.68
C LEU C 928 -12.66 15.43 -15.30
N LEU C 929 -13.46 14.40 -15.10
CA LEU C 929 -14.87 14.62 -14.79
C LEU C 929 -14.96 15.34 -13.45
N THR C 930 -14.17 14.90 -12.48
CA THR C 930 -14.16 15.59 -11.23
C THR C 930 -13.88 17.07 -11.51
N VAL C 931 -12.82 17.37 -12.24
CA VAL C 931 -12.54 18.81 -12.39
C VAL C 931 -13.55 19.59 -13.24
N LEU C 932 -14.09 18.98 -14.29
CA LEU C 932 -15.12 19.67 -15.05
C LEU C 932 -16.36 19.94 -14.18
N GLU C 933 -16.67 19.02 -13.28
CA GLU C 933 -17.82 19.26 -12.44
C GLU C 933 -17.63 20.58 -11.71
N VAL C 934 -16.42 20.84 -11.20
CA VAL C 934 -16.24 22.10 -10.49
C VAL C 934 -16.17 23.34 -11.40
N ALA C 935 -15.75 23.14 -12.63
CA ALA C 935 -15.77 24.21 -13.63
C ALA C 935 -17.20 24.63 -14.00
N LEU C 936 -18.10 23.66 -14.07
CA LEU C 936 -19.45 23.96 -14.53
C LEU C 936 -20.16 24.75 -13.44
N GLU C 937 -19.96 24.30 -12.20
CA GLU C 937 -20.43 25.01 -11.01
C GLU C 937 -19.83 26.43 -10.95
N MET C 938 -18.52 26.54 -11.16
CA MET C 938 -17.89 27.85 -11.17
C MET C 938 -18.61 28.78 -12.13
N CYS C 939 -18.86 28.27 -13.33
CA CYS C 939 -19.41 29.09 -14.38
C CYS C 939 -20.82 29.49 -14.06
N GLU C 940 -21.58 28.55 -13.49
CA GLU C 940 -22.98 28.83 -13.16
C GLU C 940 -23.10 29.85 -12.03
N ARG C 941 -22.08 29.95 -11.21
CA ARG C 941 -22.14 30.88 -10.10
C ARG C 941 -21.80 32.28 -10.59
N GLY C 942 -21.51 32.37 -11.89
CA GLY C 942 -21.32 33.67 -12.56
C GLY C 942 -19.92 34.03 -13.02
N PHE C 943 -18.96 33.14 -12.81
CA PHE C 943 -17.56 33.41 -13.15
C PHE C 943 -17.18 32.73 -14.46
N SER C 944 -15.93 32.86 -14.90
CA SER C 944 -15.52 32.22 -16.14
C SER C 944 -13.99 32.07 -16.32
N PHE C 945 -13.60 31.44 -17.42
CA PHE C 945 -12.20 31.18 -17.72
C PHE C 945 -11.79 31.98 -18.96
N LYS C 946 -10.63 32.64 -18.91
CA LYS C 946 -10.13 33.32 -20.12
C LYS C 946 -9.13 32.42 -20.82
N ASN C 947 -8.83 32.68 -22.08
CA ASN C 947 -7.79 31.94 -22.78
C ASN C 947 -6.43 32.10 -22.10
N ILE C 948 -5.53 31.15 -22.33
CA ILE C 948 -4.16 31.36 -21.93
C ILE C 948 -3.81 32.74 -22.45
N ASP C 949 -3.05 33.47 -21.65
CA ASP C 949 -2.65 34.83 -21.99
C ASP C 949 -1.13 35.04 -21.84
N LEU C 950 -0.50 35.46 -22.93
CA LEU C 950 0.94 35.44 -23.01
C LEU C 950 1.56 36.28 -21.90
N TYR C 951 0.90 37.38 -21.53
CA TYR C 951 1.48 38.28 -20.53
C TYR C 951 0.85 38.25 -19.14
N ARG C 952 -0.28 37.56 -18.96
CA ARG C 952 -0.93 37.56 -17.66
C ARG C 952 -0.99 36.16 -17.07
N SER C 953 -0.86 35.14 -17.90
CA SER C 953 -0.86 33.79 -17.36
C SER C 953 0.39 33.56 -16.53
N GLN C 954 0.23 32.79 -15.44
CA GLN C 954 1.38 32.42 -14.64
C GLN C 954 1.78 30.99 -15.00
N ALA C 955 2.86 30.51 -14.40
CA ALA C 955 3.36 29.20 -14.73
C ALA C 955 2.40 28.08 -14.29
N THR C 956 2.10 28.05 -12.99
CA THR C 956 1.35 26.93 -12.43
C THR C 956 0.11 27.36 -11.70
N GLU C 957 -0.07 28.66 -11.51
CA GLU C 957 -1.16 29.12 -10.68
C GLU C 957 -2.29 29.75 -11.51
N PHE C 958 -3.54 29.39 -11.21
CA PHE C 958 -4.70 30.13 -11.76
C PHE C 958 -4.83 31.47 -11.05
N VAL C 959 -4.83 32.57 -11.82
CA VAL C 959 -4.97 33.88 -11.20
C VAL C 959 -6.37 34.50 -11.39
N ILE C 960 -6.73 35.34 -10.44
CA ILE C 960 -7.98 36.05 -10.49
C ILE C 960 -7.90 37.39 -11.27
N ASP C 961 -8.83 37.56 -12.20
CA ASP C 961 -8.94 38.77 -12.99
C ASP C 961 -10.44 39.12 -13.11
N GLY C 962 -10.84 40.16 -12.39
CA GLY C 962 -12.25 40.50 -12.28
C GLY C 962 -12.98 39.25 -11.85
N ASN C 963 -13.95 38.82 -12.65
CA ASN C 963 -14.73 37.63 -12.38
C ASN C 963 -14.22 36.38 -13.13
N SER C 964 -12.99 36.43 -13.65
CA SER C 964 -12.43 35.24 -14.30
C SER C 964 -11.20 34.60 -13.63
N LEU C 965 -10.87 33.41 -14.09
CA LEU C 965 -9.59 32.83 -13.83
C LEU C 965 -8.84 32.78 -15.15
N ILE C 966 -7.58 33.18 -15.12
CA ILE C 966 -6.71 33.03 -16.25
C ILE C 966 -5.88 31.78 -16.02
N PRO C 967 -6.01 30.79 -16.90
CA PRO C 967 -5.29 29.53 -16.74
C PRO C 967 -3.78 29.71 -16.85
N PRO C 968 -3.02 28.92 -16.07
CA PRO C 968 -1.59 29.02 -16.22
C PRO C 968 -1.09 28.17 -17.40
N PHE C 969 0.10 28.46 -17.87
CA PHE C 969 0.69 27.68 -18.93
C PHE C 969 0.69 26.18 -18.66
N ASN C 970 0.93 25.75 -17.43
CA ASN C 970 1.08 24.31 -17.25
C ASN C 970 -0.25 23.57 -17.38
N ALA C 971 -1.33 24.30 -17.55
CA ALA C 971 -2.62 23.66 -17.76
C ALA C 971 -2.72 23.17 -19.20
N ILE C 972 -1.82 23.65 -20.07
CA ILE C 972 -1.89 23.25 -21.46
C ILE C 972 -1.41 21.82 -21.63
N PRO C 973 -2.14 21.01 -22.41
CA PRO C 973 -1.62 19.62 -22.49
C PRO C 973 -0.22 19.55 -23.14
N GLY C 974 0.66 18.73 -22.55
CA GLY C 974 2.06 18.64 -23.00
C GLY C 974 2.99 19.65 -22.33
N LEU C 975 2.44 20.81 -21.94
CA LEU C 975 3.22 21.84 -21.25
C LEU C 975 3.34 21.59 -19.75
N GLY C 976 4.45 20.99 -19.32
CA GLY C 976 4.63 20.69 -17.90
C GLY C 976 5.32 21.81 -17.14
N THR C 977 5.47 21.63 -15.82
CA THR C 977 6.02 22.67 -14.97
C THR C 977 7.31 23.38 -15.42
N ASN C 978 8.30 22.65 -15.92
CA ASN C 978 9.58 23.31 -16.25
C ASN C 978 9.45 24.36 -17.35
N VAL C 979 8.71 24.03 -18.40
CA VAL C 979 8.51 24.98 -19.49
C VAL C 979 7.68 26.15 -18.99
N ALA C 980 6.56 25.84 -18.35
CA ALA C 980 5.74 26.89 -17.76
C ALA C 980 6.63 27.91 -17.01
N GLN C 981 7.58 27.40 -16.23
CA GLN C 981 8.41 28.28 -15.41
C GLN C 981 9.39 29.04 -16.29
N ALA C 982 9.89 28.37 -17.30
CA ALA C 982 10.78 29.02 -18.23
C ALA C 982 10.09 30.16 -18.94
N ILE C 983 8.85 29.95 -19.37
CA ILE C 983 8.16 30.98 -20.16
C ILE C 983 8.05 32.25 -19.34
N VAL C 984 7.79 32.09 -18.04
CA VAL C 984 7.66 33.22 -17.14
C VAL C 984 9.01 33.91 -16.84
N ARG C 985 10.02 33.10 -16.53
CA ARG C 985 11.40 33.56 -16.38
C ARG C 985 11.79 34.41 -17.58
N ALA C 986 11.62 33.88 -18.77
CA ALA C 986 12.10 34.55 -19.96
C ALA C 986 11.39 35.87 -20.14
N ARG C 987 10.11 35.88 -19.83
CA ARG C 987 9.31 37.06 -20.07
C ARG C 987 9.64 38.13 -19.03
N GLU C 988 10.02 37.69 -17.84
CA GLU C 988 10.49 38.62 -16.82
C GLU C 988 11.89 39.14 -17.18
N GLU C 989 12.69 38.33 -17.88
CA GLU C 989 14.02 38.75 -18.36
C GLU C 989 13.87 39.78 -19.45
N GLY C 990 12.73 39.76 -20.13
CA GLY C 990 12.52 40.65 -21.26
C GLY C 990 11.40 40.11 -22.13
N GLU C 991 10.49 40.99 -22.53
CA GLU C 991 9.30 40.55 -23.23
C GLU C 991 9.60 39.89 -24.58
N PHE C 992 8.58 39.23 -25.15
CA PHE C 992 8.76 38.46 -26.37
C PHE C 992 8.59 39.35 -27.57
N LEU C 993 9.55 39.31 -28.46
CA LEU C 993 9.58 40.21 -29.58
C LEU C 993 9.04 39.54 -30.84
N SER C 994 8.84 38.22 -30.82
CA SER C 994 8.29 37.51 -31.98
C SER C 994 7.91 36.09 -31.60
N LYS C 995 7.14 35.38 -32.43
CA LYS C 995 6.79 34.01 -32.07
C LYS C 995 8.09 33.24 -31.90
N GLU C 996 8.99 33.42 -32.86
CA GLU C 996 10.28 32.74 -32.80
C GLU C 996 10.99 33.04 -31.49
N ASP C 997 11.00 34.30 -31.08
CA ASP C 997 11.68 34.68 -29.85
C ASP C 997 11.09 33.94 -28.67
N LEU C 998 9.76 33.95 -28.59
CA LEU C 998 9.03 33.19 -27.57
C LEU C 998 9.40 31.71 -27.60
N GLN C 999 9.62 31.17 -28.80
CA GLN C 999 9.90 29.76 -28.92
C GLN C 999 11.30 29.42 -28.39
N GLN C 1000 12.27 30.25 -28.72
CA GLN C 1000 13.63 29.99 -28.31
C GLN C 1000 13.79 30.18 -26.82
N ARG C 1001 13.38 31.34 -26.34
CA ARG C 1001 13.60 31.70 -24.95
C ARG C 1001 12.69 30.96 -23.99
N GLY C 1002 11.53 30.55 -24.49
CA GLY C 1002 10.57 29.83 -23.66
C GLY C 1002 10.72 28.34 -23.80
N LYS C 1003 11.61 27.90 -24.69
CA LYS C 1003 11.93 26.47 -24.81
C LYS C 1003 10.68 25.69 -25.26
N LEU C 1004 9.98 26.20 -26.27
CA LEU C 1004 8.71 25.58 -26.68
C LEU C 1004 8.88 24.68 -27.89
N SER C 1005 8.34 23.47 -27.82
CA SER C 1005 8.27 22.63 -28.99
C SER C 1005 7.34 23.25 -30.03
N LYS C 1006 7.42 22.73 -31.26
CA LYS C 1006 6.57 23.15 -32.35
C LYS C 1006 5.11 22.98 -31.97
N THR C 1007 4.74 21.79 -31.51
CA THR C 1007 3.37 21.49 -31.16
C THR C 1007 2.77 22.49 -30.16
N LEU C 1008 3.53 22.80 -29.11
CA LEU C 1008 3.06 23.71 -28.07
C LEU C 1008 2.89 25.10 -28.64
N LEU C 1009 3.87 25.55 -29.43
CA LEU C 1009 3.80 26.85 -30.08
C LEU C 1009 2.49 26.96 -30.89
N GLU C 1010 2.19 25.91 -31.64
CA GLU C 1010 0.99 25.81 -32.46
C GLU C 1010 -0.23 25.98 -31.57
N TYR C 1011 -0.17 25.36 -30.40
CA TYR C 1011 -1.32 25.36 -29.52
C TYR C 1011 -1.76 26.78 -29.25
N LEU C 1012 -0.78 27.61 -28.91
CA LEU C 1012 -1.00 29.02 -28.63
C LEU C 1012 -1.43 29.80 -29.88
N GLU C 1013 -0.77 29.53 -30.99
CA GLU C 1013 -1.08 30.18 -32.26
C GLU C 1013 -2.53 30.00 -32.66
N SER C 1014 -2.95 28.73 -32.68
CA SER C 1014 -4.27 28.35 -33.15
C SER C 1014 -5.35 28.99 -32.28
N ARG C 1015 -5.01 29.37 -31.06
CA ARG C 1015 -5.97 29.96 -30.16
C ARG C 1015 -5.88 31.48 -30.11
N GLY C 1016 -5.10 32.05 -31.01
CA GLY C 1016 -4.99 33.50 -31.04
C GLY C 1016 -4.07 34.11 -29.98
N CYS C 1017 -3.44 33.27 -29.18
CA CYS C 1017 -2.53 33.78 -28.15
C CYS C 1017 -1.38 34.64 -28.67
N LEU C 1018 -0.90 34.37 -29.87
CA LEU C 1018 0.33 35.01 -30.37
C LEU C 1018 0.04 36.08 -31.41
N ASP C 1019 -1.24 36.36 -31.65
CA ASP C 1019 -1.65 37.24 -32.72
C ASP C 1019 -0.97 38.58 -32.69
N SER C 1020 -0.65 39.11 -31.51
CA SER C 1020 -0.04 40.45 -31.48
C SER C 1020 1.45 40.46 -31.85
N LEU C 1021 2.03 39.29 -32.05
CA LEU C 1021 3.45 39.16 -32.39
C LEU C 1021 3.68 38.85 -33.88
N PRO C 1022 4.80 39.36 -34.42
CA PRO C 1022 5.23 38.94 -35.75
C PRO C 1022 5.88 37.56 -35.68
N ASP C 1023 5.74 36.77 -36.73
CA ASP C 1023 6.39 35.46 -36.76
C ASP C 1023 7.84 35.54 -36.32
N HIS C 1024 8.57 36.46 -36.93
CA HIS C 1024 9.98 36.64 -36.65
C HIS C 1024 10.38 38.12 -36.73
N ASN C 1025 11.57 38.42 -36.19
CA ASN C 1025 12.12 39.77 -36.20
C ASN C 1025 13.08 39.89 -37.35
N GLN C 1026 13.06 41.03 -38.04
CA GLN C 1026 13.97 41.25 -39.17
C GLN C 1026 15.30 41.78 -38.66
N LEU C 1027 15.34 42.17 -37.40
CA LEU C 1027 16.63 42.42 -36.76
C LEU C 1027 16.87 41.59 -35.51
N SER C 1028 18.13 41.51 -35.12
CA SER C 1028 18.49 40.93 -33.84
C SER C 1028 19.80 41.53 -33.39
N LEU C 1029 19.92 41.79 -32.09
CA LEU C 1029 21.03 42.53 -31.51
C LEU C 1029 21.51 41.83 -30.25
N PHE C 1030 22.73 42.15 -29.82
CA PHE C 1030 23.37 41.44 -28.69
C PHE C 1030 22.69 41.56 -27.31
#